data_6XNG
#
_entry.id   6XNG
#
_cell.length_a   58.338
_cell.length_b   80.661
_cell.length_c   242.797
_cell.angle_alpha   90.000
_cell.angle_beta   90.000
_cell.angle_gamma   90.000
#
_symmetry.space_group_name_H-M   'P 21 21 21'
#
loop_
_entity.id
_entity.type
_entity.pdbx_description
1 polymer 'Antigen-presenting glycoprotein CD1d1'
2 polymer Beta-2-microglobulin
3 polymer 'NKT Valpha14 (Mouse)-2C12 TCR'
4 polymer 'NKT Vbeta8.2 (Mouse)-2C12 TCR'
5 branched 2-acetamido-2-deoxy-beta-D-glucopyranose-(1-4)-2-acetamido-2-deoxy-beta-D-glucopyranose
6 branched beta-D-mannopyranose-(1-4)-2-acetamido-2-deoxy-beta-D-glucopyranose-(1-4)-2-acetamido-2-deoxy-beta-D-glucopyranose
7 non-polymer (3R)-N-[(2S,3R)-1-(alpha-D-galactopyranosyloxy)-3-hydroxyheptadecan-2-yl]-3-hydroxyheptadecanamide
8 water water
#
loop_
_entity_poly.entity_id
_entity_poly.type
_entity_poly.pdbx_seq_one_letter_code
_entity_poly.pdbx_strand_id
1 'polypeptide(L)'
;SEAQQKNYTFRCLQMSSFANRSWSRTDSVVWLGDLQTHRWSNDSATISFTKPWSQGKLSNQQWEKLQHMFQVYRVSFTRD
IQELVKMMSPKEDYPIEIQLSAGCEMYPGNASESFLHVAFQGKYVVRFWGTSWQTVPGAPSWLDLPIKVLNADQGTSATV
QMLLNDTCPLFVRGLLEAGKSDLEKQEKPVAWLSSVPSSAHGHRQLVCHVSGFYPKPVWVMWMRGDQEQQGTHRGDFLPN
ADETWYLQATLDVEAGEEAGLACRVKHSSLGGQDIILYWGSLHHILDAQKMVWNHRHHHHHH
;
A
2 'polypeptide(L)'
;IQKTPQIQVYSRHPPENGKPNILNCYVTQFHPPHIEIQMLKNGKKIPKVEMSDMSFSKDWSFYILAHTEFTPTETDTYAC
RVKHASMAEPKTVYWDRDM
;
B
3 'polypeptide(L)'
;TQVEQSPQSLVVRQGENSVLQCNYSVTPDNHLRWFKQDTGKGLVSLTVLVDQKDKTSNGRYSATLDKDAKHSTLHITATL
LDDTATYICVVGDRGSALGRLHFGAGTQLIVIPDIQNPDPAVYQLRDSKSSDKSVCLFTDFDSQTNVSQSKDSDVYITDK
CVLDMRSMDFKSNSAVAWSNKSDFACANAFNNSIIPEDTFFPSPESS
;
C
4 'polypeptide(L)'
;MEAAVTQSPRNKVAVTGGKVTLSCNQTNNHNNMYWYRQDTGHGLRLIHYSYGAGSTEKGDIPDGYKASRPSQENFSLILE
LATPSQTSVYFCASGDEGYTQYFGPGTRLLVLEDLKNVFPPEVAVFEPSEAEISHTQKATLVCLATGFYPDHVELSWWVN
GKEVHSGVCTDPQPLKEQPALNDSRYALSSRLRVSATFWQNPRNHFRCQVQFYGLSENDEWTQDRAKPVTQIVSAEAWGR
AD
;
D
#
loop_
_chem_comp.id
_chem_comp.type
_chem_comp.name
_chem_comp.formula
BMA D-saccharide, beta linking beta-D-mannopyranose 'C6 H12 O6'
NAG D-saccharide, beta linking 2-acetamido-2-deoxy-beta-D-glucopyranose 'C8 H15 N O6'
V8P non-polymer (3R)-N-[(2S,3R)-1-(alpha-D-galactopyranosyloxy)-3-hydroxyheptadecan-2-yl]-3-hydroxyheptadecanamide 'C40 H79 N O9'
#
# COMPACT_ATOMS: atom_id res chain seq x y z
N LYS A 6 -15.60 -35.79 -20.74
CA LYS A 6 -16.97 -35.46 -20.36
C LYS A 6 -16.99 -34.25 -19.39
N ASN A 7 -16.23 -34.31 -18.28
CA ASN A 7 -16.16 -33.25 -17.27
C ASN A 7 -14.83 -32.49 -17.39
N TYR A 8 -14.89 -31.20 -17.78
CA TYR A 8 -13.73 -30.33 -17.98
C TYR A 8 -13.44 -29.40 -16.80
N THR A 9 -12.19 -29.45 -16.30
CA THR A 9 -11.73 -28.59 -15.22
C THR A 9 -10.98 -27.42 -15.87
N PHE A 10 -11.33 -26.20 -15.46
CA PHE A 10 -10.71 -24.98 -15.91
C PHE A 10 -9.82 -24.48 -14.78
N ARG A 11 -8.50 -24.38 -15.02
CA ARG A 11 -7.66 -23.91 -13.92
C ARG A 11 -6.69 -22.83 -14.37
N CYS A 12 -6.63 -21.80 -13.51
CA CYS A 12 -5.75 -20.64 -13.60
C CYS A 12 -4.64 -20.91 -12.60
N LEU A 13 -3.42 -21.03 -13.10
CA LEU A 13 -2.29 -21.34 -12.23
C LEU A 13 -1.37 -20.15 -12.10
N GLN A 14 -1.19 -19.65 -10.87
CA GLN A 14 -0.32 -18.51 -10.58
C GLN A 14 0.96 -18.94 -9.87
N MET A 15 2.11 -18.54 -10.43
CA MET A 15 3.41 -18.87 -9.88
C MET A 15 4.15 -17.61 -9.46
N SER A 16 4.13 -17.32 -8.14
CA SER A 16 4.76 -16.13 -7.60
C SER A 16 6.02 -16.49 -6.80
N SER A 17 7.15 -15.95 -7.26
CA SER A 17 8.46 -16.20 -6.65
C SER A 17 9.01 -14.91 -6.04
N PHE A 18 9.34 -14.95 -4.73
CA PHE A 18 9.88 -13.82 -3.96
C PHE A 18 11.29 -14.17 -3.51
N ALA A 19 12.30 -13.53 -4.11
CA ALA A 19 13.72 -13.82 -3.79
C ALA A 19 14.19 -13.12 -2.52
N ASN A 20 13.83 -11.85 -2.37
CA ASN A 20 14.22 -11.01 -1.25
C ASN A 20 13.21 -9.87 -1.11
N ARG A 21 13.50 -8.87 -0.27
CA ARG A 21 12.64 -7.72 0.00
C ARG A 21 12.24 -6.96 -1.28
N SER A 22 13.14 -6.92 -2.28
CA SER A 22 12.96 -6.16 -3.51
C SER A 22 12.60 -6.99 -4.76
N TRP A 23 13.24 -8.14 -4.96
CA TRP A 23 13.02 -8.96 -6.16
C TRP A 23 11.84 -9.91 -6.02
N SER A 24 11.01 -9.95 -7.08
CA SER A 24 9.82 -10.78 -7.21
C SER A 24 9.40 -10.92 -8.68
N ARG A 25 8.61 -11.96 -8.99
CA ARG A 25 8.02 -12.19 -10.31
C ARG A 25 6.84 -13.16 -10.22
N THR A 26 5.74 -12.79 -10.91
CA THR A 26 4.49 -13.52 -10.99
C THR A 26 4.24 -13.89 -12.44
N ASP A 27 4.16 -15.20 -12.72
CA ASP A 27 3.89 -15.77 -14.04
C ASP A 27 2.70 -16.70 -13.90
N SER A 28 1.80 -16.68 -14.88
CA SER A 28 0.59 -17.49 -14.84
C SER A 28 0.32 -18.16 -16.18
N VAL A 29 -0.41 -19.29 -16.13
CA VAL A 29 -0.87 -20.09 -17.26
C VAL A 29 -2.33 -20.51 -16.96
N VAL A 30 -3.16 -20.69 -18.00
CA VAL A 30 -4.56 -21.10 -17.84
C VAL A 30 -4.81 -22.34 -18.70
N TRP A 31 -5.57 -23.34 -18.19
CA TRP A 31 -5.91 -24.60 -18.85
C TRP A 31 -7.41 -24.89 -18.84
N LEU A 32 -7.90 -25.54 -19.91
CA LEU A 32 -9.28 -26.05 -20.05
C LEU A 32 -9.09 -27.49 -20.47
N GLY A 33 -9.04 -28.35 -19.46
CA GLY A 33 -8.70 -29.75 -19.64
C GLY A 33 -7.18 -29.83 -19.74
N ASP A 34 -6.66 -30.43 -20.82
CA ASP A 34 -5.21 -30.55 -21.03
C ASP A 34 -4.69 -29.55 -22.09
N LEU A 35 -5.51 -28.52 -22.46
CA LEU A 35 -5.15 -27.49 -23.45
C LEU A 35 -4.96 -26.11 -22.81
N GLN A 36 -3.77 -25.50 -23.03
CA GLN A 36 -3.42 -24.18 -22.52
C GLN A 36 -4.20 -23.11 -23.29
N THR A 37 -4.91 -22.24 -22.57
CA THR A 37 -5.76 -21.21 -23.16
C THR A 37 -5.13 -19.82 -23.03
N HIS A 38 -4.52 -19.52 -21.87
CA HIS A 38 -3.88 -18.21 -21.65
C HIS A 38 -2.46 -18.34 -21.09
N ARG A 39 -1.66 -17.28 -21.34
CA ARG A 39 -0.29 -17.10 -20.88
C ARG A 39 -0.12 -15.65 -20.39
N TRP A 40 0.42 -15.47 -19.18
CA TRP A 40 0.67 -14.13 -18.66
C TRP A 40 1.99 -14.11 -17.92
N SER A 41 3.01 -13.53 -18.54
CA SER A 41 4.34 -13.45 -17.93
C SER A 41 4.50 -12.16 -17.16
N ASN A 42 5.44 -12.13 -16.19
CA ASN A 42 5.74 -10.95 -15.38
C ASN A 42 6.12 -9.76 -16.26
N ASP A 43 6.85 -10.02 -17.35
CA ASP A 43 7.32 -9.03 -18.32
C ASP A 43 6.20 -8.49 -19.20
N SER A 44 5.04 -9.19 -19.26
CA SER A 44 3.89 -8.82 -20.08
C SER A 44 2.85 -8.01 -19.28
N ALA A 45 2.43 -6.87 -19.84
CA ALA A 45 1.45 -5.96 -19.26
C ALA A 45 0.04 -6.54 -19.34
N THR A 46 -0.27 -7.15 -20.48
CA THR A 46 -1.55 -7.76 -20.85
C THR A 46 -1.46 -9.30 -20.90
N ILE A 47 -2.62 -9.99 -20.72
CA ILE A 47 -2.76 -11.45 -20.80
C ILE A 47 -2.74 -11.83 -22.29
N SER A 48 -2.03 -12.91 -22.65
CA SER A 48 -1.89 -13.39 -24.02
C SER A 48 -2.69 -14.66 -24.26
N PHE A 49 -3.26 -14.80 -25.48
CA PHE A 49 -4.08 -15.95 -25.88
C PHE A 49 -3.24 -17.01 -26.58
N THR A 50 -3.41 -18.28 -26.18
CA THR A 50 -2.68 -19.39 -26.79
C THR A 50 -3.63 -20.24 -27.67
N LYS A 51 -4.87 -19.72 -27.89
CA LYS A 51 -5.96 -20.26 -28.74
C LYS A 51 -6.77 -19.11 -29.36
N PRO A 52 -7.39 -19.27 -30.57
CA PRO A 52 -8.18 -18.16 -31.12
C PRO A 52 -9.51 -17.95 -30.39
N TRP A 53 -9.92 -18.93 -29.58
CA TRP A 53 -11.18 -18.92 -28.85
C TRP A 53 -10.99 -18.67 -27.35
N SER A 54 -9.78 -18.29 -26.92
CA SER A 54 -9.41 -18.05 -25.51
C SER A 54 -10.24 -16.93 -24.83
N GLN A 55 -10.84 -16.00 -25.62
CA GLN A 55 -11.70 -14.92 -25.10
C GLN A 55 -13.08 -15.48 -24.72
N GLY A 56 -13.43 -16.64 -25.27
CA GLY A 56 -14.71 -17.30 -25.03
C GLY A 56 -15.83 -16.54 -25.71
N LYS A 57 -16.98 -16.40 -25.02
CA LYS A 57 -18.12 -15.67 -25.58
C LYS A 57 -18.16 -14.22 -25.04
N LEU A 58 -17.17 -13.82 -24.19
CA LEU A 58 -17.04 -12.48 -23.62
C LEU A 58 -16.73 -11.45 -24.69
N SER A 59 -17.15 -10.19 -24.46
CA SER A 59 -16.91 -9.07 -25.38
C SER A 59 -15.54 -8.44 -25.13
N ASN A 60 -15.03 -7.65 -26.11
CA ASN A 60 -13.75 -6.95 -26.00
C ASN A 60 -13.76 -5.96 -24.85
N GLN A 61 -14.98 -5.54 -24.42
CA GLN A 61 -15.20 -4.67 -23.27
C GLN A 61 -15.19 -5.52 -22.00
N GLN A 62 -16.00 -6.61 -21.97
CA GLN A 62 -16.10 -7.53 -20.83
C GLN A 62 -14.74 -8.10 -20.45
N TRP A 63 -13.92 -8.52 -21.44
CA TRP A 63 -12.58 -9.07 -21.26
C TRP A 63 -11.60 -8.01 -20.74
N GLU A 64 -11.65 -6.76 -21.28
CA GLU A 64 -10.77 -5.66 -20.87
C GLU A 64 -11.01 -5.24 -19.40
N LYS A 65 -12.29 -5.28 -18.95
CA LYS A 65 -12.67 -4.94 -17.58
C LYS A 65 -12.13 -6.00 -16.63
N LEU A 66 -12.25 -7.27 -17.04
CA LEU A 66 -11.76 -8.46 -16.35
C LEU A 66 -10.22 -8.42 -16.29
N GLN A 67 -9.58 -7.97 -17.38
CA GLN A 67 -8.14 -7.79 -17.52
C GLN A 67 -7.58 -6.78 -16.51
N HIS A 68 -8.13 -5.54 -16.47
CA HIS A 68 -7.73 -4.45 -15.57
C HIS A 68 -7.78 -4.88 -14.09
N MET A 69 -8.83 -5.64 -13.73
CA MET A 69 -9.07 -6.21 -12.42
C MET A 69 -7.87 -7.08 -12.03
N PHE A 70 -7.45 -7.97 -12.96
CA PHE A 70 -6.31 -8.88 -12.81
C PHE A 70 -4.99 -8.11 -12.82
N GLN A 71 -4.94 -6.99 -13.56
CA GLN A 71 -3.74 -6.14 -13.66
C GLN A 71 -3.43 -5.45 -12.34
N VAL A 72 -4.47 -4.97 -11.62
CA VAL A 72 -4.26 -4.32 -10.31
C VAL A 72 -4.03 -5.40 -9.25
N TYR A 73 -4.65 -6.59 -9.44
CA TYR A 73 -4.47 -7.73 -8.53
C TYR A 73 -3.00 -8.16 -8.49
N ARG A 74 -2.34 -8.28 -9.67
CA ARG A 74 -0.93 -8.65 -9.82
C ARG A 74 0.01 -7.69 -9.05
N VAL A 75 -0.20 -6.36 -9.13
CA VAL A 75 0.66 -5.40 -8.41
C VAL A 75 0.33 -5.40 -6.92
N SER A 76 -0.97 -5.53 -6.57
CA SER A 76 -1.44 -5.51 -5.19
C SER A 76 -0.99 -6.74 -4.41
N PHE A 77 -1.27 -7.96 -4.92
CA PHE A 77 -0.89 -9.25 -4.33
C PHE A 77 0.58 -9.23 -3.90
N THR A 78 1.47 -8.83 -4.83
CA THR A 78 2.92 -8.76 -4.68
C THR A 78 3.31 -7.97 -3.44
N ARG A 79 2.71 -6.79 -3.23
CA ARG A 79 2.98 -5.94 -2.07
C ARG A 79 2.28 -6.51 -0.84
N ASP A 80 1.11 -7.12 -1.04
CA ASP A 80 0.31 -7.72 0.02
C ASP A 80 1.04 -8.86 0.69
N ILE A 81 1.62 -9.80 -0.07
CA ILE A 81 2.34 -10.89 0.58
C ILE A 81 3.71 -10.36 1.10
N GLN A 82 4.30 -9.34 0.44
CA GLN A 82 5.56 -8.67 0.84
C GLN A 82 5.42 -8.07 2.22
N GLU A 83 4.20 -7.63 2.55
CA GLU A 83 3.84 -7.03 3.85
C GLU A 83 3.48 -8.15 4.86
N LEU A 84 2.97 -9.30 4.38
CA LEU A 84 2.64 -10.43 5.24
C LEU A 84 3.92 -11.10 5.73
N VAL A 85 5.03 -11.00 4.97
CA VAL A 85 6.30 -11.59 5.40
C VAL A 85 6.92 -10.68 6.49
N LYS A 86 6.65 -9.36 6.46
CA LYS A 86 7.13 -8.38 7.45
C LYS A 86 6.38 -8.60 8.76
N MET A 87 5.13 -9.08 8.65
CA MET A 87 4.21 -9.35 9.75
C MET A 87 4.67 -10.59 10.52
N MET A 88 4.94 -11.69 9.80
CA MET A 88 5.43 -12.95 10.36
C MET A 88 6.91 -12.88 10.78
N SER A 89 7.72 -12.03 10.12
CA SER A 89 9.16 -11.83 10.32
C SER A 89 9.61 -11.97 11.78
N PRO A 90 10.62 -12.82 12.08
CA PRO A 90 11.43 -13.65 11.16
C PRO A 90 10.98 -15.13 11.07
N LYS A 91 9.72 -15.43 11.47
CA LYS A 91 9.14 -16.79 11.46
C LYS A 91 9.24 -17.43 10.07
N GLU A 92 9.04 -16.62 9.01
CA GLU A 92 9.17 -17.02 7.61
C GLU A 92 10.07 -16.01 6.91
N ASP A 93 11.12 -16.48 6.21
CA ASP A 93 12.06 -15.60 5.52
C ASP A 93 12.27 -16.07 4.09
N TYR A 94 12.71 -15.12 3.24
CA TYR A 94 13.00 -15.30 1.82
C TYR A 94 14.08 -16.36 1.60
N PRO A 95 14.05 -17.13 0.49
CA PRO A 95 13.11 -17.05 -0.66
C PRO A 95 11.75 -17.69 -0.37
N ILE A 96 10.68 -17.09 -0.92
CA ILE A 96 9.30 -17.54 -0.75
C ILE A 96 8.69 -17.89 -2.11
N GLU A 97 7.92 -19.00 -2.15
CA GLU A 97 7.22 -19.48 -3.34
C GLU A 97 5.75 -19.65 -3.03
N ILE A 98 4.90 -18.89 -3.74
CA ILE A 98 3.45 -18.93 -3.59
C ILE A 98 2.89 -19.52 -4.89
N GLN A 99 1.82 -20.33 -4.77
CA GLN A 99 1.15 -20.97 -5.91
C GLN A 99 -0.35 -20.91 -5.72
N LEU A 100 -1.06 -20.35 -6.71
CA LEU A 100 -2.52 -20.28 -6.65
C LEU A 100 -3.10 -21.11 -7.77
N SER A 101 -4.14 -21.89 -7.45
CA SER A 101 -4.85 -22.75 -8.40
C SER A 101 -6.33 -22.41 -8.29
N ALA A 102 -6.80 -21.49 -9.13
CA ALA A 102 -8.19 -21.06 -9.11
C ALA A 102 -8.92 -21.49 -10.35
N GLY A 103 -10.22 -21.73 -10.22
CA GLY A 103 -11.04 -22.17 -11.34
C GLY A 103 -12.28 -22.92 -10.95
N CYS A 104 -12.86 -23.62 -11.92
CA CYS A 104 -14.08 -24.39 -11.74
C CYS A 104 -14.11 -25.59 -12.67
N GLU A 105 -14.78 -26.67 -12.22
CA GLU A 105 -15.01 -27.90 -12.96
C GLU A 105 -16.44 -27.88 -13.43
N MET A 106 -16.69 -28.24 -14.71
CA MET A 106 -18.04 -28.22 -15.26
C MET A 106 -18.66 -29.63 -15.34
N TYR A 107 -19.83 -29.80 -14.67
CA TYR A 107 -20.60 -31.05 -14.55
C TYR A 107 -21.89 -30.99 -15.38
N PRO A 108 -22.48 -32.15 -15.83
CA PRO A 108 -23.73 -32.09 -16.60
C PRO A 108 -24.84 -31.38 -15.82
N GLY A 109 -25.58 -30.53 -16.54
CA GLY A 109 -26.63 -29.70 -15.99
C GLY A 109 -26.12 -28.31 -15.66
N ASN A 110 -27.02 -27.40 -15.23
CA ASN A 110 -26.66 -26.02 -14.86
C ASN A 110 -26.01 -25.99 -13.45
N ALA A 111 -24.93 -26.79 -13.26
CA ALA A 111 -24.21 -26.94 -11.99
C ALA A 111 -22.69 -27.10 -12.18
N SER A 112 -21.92 -26.53 -11.23
CA SER A 112 -20.45 -26.55 -11.18
C SER A 112 -19.92 -26.31 -9.75
N GLU A 113 -18.71 -26.79 -9.47
CA GLU A 113 -18.01 -26.61 -8.20
C GLU A 113 -16.80 -25.69 -8.45
N SER A 114 -16.71 -24.57 -7.72
CA SER A 114 -15.62 -23.60 -7.88
C SER A 114 -14.59 -23.73 -6.75
N PHE A 115 -13.29 -23.55 -7.07
CA PHE A 115 -12.19 -23.70 -6.13
C PHE A 115 -11.14 -22.57 -6.18
N LEU A 116 -10.36 -22.42 -5.10
CA LEU A 116 -9.24 -21.49 -4.98
C LEU A 116 -8.32 -22.04 -3.91
N HIS A 117 -7.26 -22.73 -4.35
CA HIS A 117 -6.28 -23.33 -3.45
C HIS A 117 -4.94 -22.62 -3.55
N VAL A 118 -4.32 -22.34 -2.39
CA VAL A 118 -3.04 -21.65 -2.29
C VAL A 118 -2.02 -22.55 -1.57
N ALA A 119 -0.85 -22.72 -2.19
CA ALA A 119 0.28 -23.46 -1.66
C ALA A 119 1.45 -22.53 -1.39
N PHE A 120 2.00 -22.63 -0.18
CA PHE A 120 3.13 -21.84 0.28
C PHE A 120 4.33 -22.75 0.42
N GLN A 121 5.48 -22.29 -0.06
CA GLN A 121 6.77 -22.99 -0.06
C GLN A 121 6.61 -24.47 -0.48
N GLY A 122 5.75 -24.70 -1.47
CA GLY A 122 5.44 -26.00 -2.06
C GLY A 122 4.32 -26.81 -1.44
N LYS A 123 3.83 -26.41 -0.25
CA LYS A 123 2.79 -27.13 0.50
C LYS A 123 1.44 -26.35 0.54
N TYR A 124 0.31 -27.06 0.29
CA TYR A 124 -1.04 -26.49 0.27
C TYR A 124 -1.45 -26.10 1.69
N VAL A 125 -1.77 -24.79 1.91
CA VAL A 125 -2.05 -24.23 3.23
C VAL A 125 -3.35 -23.41 3.37
N VAL A 126 -3.79 -22.70 2.32
CA VAL A 126 -4.96 -21.81 2.41
C VAL A 126 -5.91 -22.01 1.23
N ARG A 127 -7.23 -21.94 1.49
CA ARG A 127 -8.25 -22.02 0.46
C ARG A 127 -9.31 -20.93 0.65
N PHE A 128 -9.97 -20.50 -0.43
CA PHE A 128 -11.09 -19.57 -0.31
C PHE A 128 -12.34 -20.42 -0.25
N TRP A 129 -13.12 -20.30 0.83
CA TRP A 129 -14.32 -21.10 0.98
C TRP A 129 -15.47 -20.29 1.56
N GLY A 130 -16.50 -20.13 0.73
CA GLY A 130 -17.72 -19.42 1.08
C GLY A 130 -17.63 -17.92 0.96
N THR A 131 -17.27 -17.26 2.07
CA THR A 131 -17.17 -15.79 2.16
C THR A 131 -15.80 -15.35 2.70
N SER A 132 -14.89 -16.31 2.96
CA SER A 132 -13.59 -15.99 3.56
C SER A 132 -12.47 -16.97 3.20
N TRP A 133 -11.22 -16.51 3.44
CA TRP A 133 -9.98 -17.26 3.36
C TRP A 133 -9.92 -18.18 4.56
N GLN A 134 -9.54 -19.45 4.37
CA GLN A 134 -9.49 -20.41 5.45
C GLN A 134 -8.23 -21.22 5.40
N THR A 135 -7.63 -21.46 6.58
CA THR A 135 -6.44 -22.29 6.69
C THR A 135 -6.91 -23.73 6.69
N VAL A 136 -6.23 -24.59 5.92
CA VAL A 136 -6.59 -26.00 5.79
C VAL A 136 -6.12 -26.78 7.03
N PRO A 137 -6.64 -28.00 7.31
CA PRO A 137 -6.17 -28.74 8.49
C PRO A 137 -4.71 -29.15 8.36
N GLY A 138 -3.95 -28.89 9.42
CA GLY A 138 -2.53 -29.19 9.48
C GLY A 138 -1.66 -28.06 8.97
N ALA A 139 -2.26 -26.87 8.81
CA ALA A 139 -1.56 -25.67 8.37
C ALA A 139 -0.88 -25.02 9.58
N PRO A 140 0.30 -24.37 9.39
CA PRO A 140 0.99 -23.75 10.54
C PRO A 140 0.20 -22.61 11.16
N SER A 141 0.21 -22.54 12.50
CA SER A 141 -0.52 -21.59 13.32
C SER A 141 -0.13 -20.14 13.05
N TRP A 142 1.10 -19.86 12.56
CA TRP A 142 1.51 -18.47 12.33
C TRP A 142 0.87 -17.88 11.06
N LEU A 143 0.05 -18.69 10.35
CA LEU A 143 -0.74 -18.26 9.18
C LEU A 143 -2.07 -17.67 9.61
N ASP A 144 -2.46 -17.82 10.90
CA ASP A 144 -3.73 -17.32 11.44
C ASP A 144 -3.84 -15.79 11.36
N LEU A 145 -2.81 -15.04 11.83
CA LEU A 145 -2.81 -13.58 11.78
C LEU A 145 -2.85 -13.09 10.32
N PRO A 146 -1.95 -13.55 9.41
CA PRO A 146 -2.05 -13.13 8.01
C PRO A 146 -3.43 -13.38 7.38
N ILE A 147 -4.10 -14.50 7.72
CA ILE A 147 -5.41 -14.85 7.18
C ILE A 147 -6.49 -13.95 7.77
N LYS A 148 -6.34 -13.58 9.06
CA LYS A 148 -7.23 -12.65 9.80
C LYS A 148 -7.16 -11.27 9.14
N VAL A 149 -5.95 -10.85 8.74
CA VAL A 149 -5.69 -9.57 8.08
C VAL A 149 -6.25 -9.60 6.65
N LEU A 150 -6.11 -10.73 5.92
CA LEU A 150 -6.66 -10.90 4.57
C LEU A 150 -8.18 -10.90 4.57
N ASN A 151 -8.80 -11.48 5.61
CA ASN A 151 -10.24 -11.56 5.79
C ASN A 151 -10.84 -10.22 6.20
N ALA A 152 -10.01 -9.27 6.68
CA ALA A 152 -10.43 -7.93 7.05
C ALA A 152 -10.78 -7.10 5.81
N ASP A 153 -10.20 -7.47 4.65
CA ASP A 153 -10.39 -6.86 3.34
C ASP A 153 -11.70 -7.41 2.73
N GLN A 154 -12.78 -6.66 2.86
CA GLN A 154 -14.12 -7.07 2.43
C GLN A 154 -14.35 -6.86 0.92
N GLY A 155 -13.62 -5.93 0.29
CA GLY A 155 -13.70 -5.67 -1.14
C GLY A 155 -13.15 -6.82 -1.99
N THR A 156 -11.97 -7.35 -1.60
CA THR A 156 -11.33 -8.49 -2.28
C THR A 156 -12.22 -9.73 -2.11
N SER A 157 -12.69 -9.97 -0.87
CA SER A 157 -13.58 -11.08 -0.51
C SER A 157 -14.86 -11.09 -1.35
N ALA A 158 -15.51 -9.91 -1.51
CA ALA A 158 -16.75 -9.76 -2.28
C ALA A 158 -16.55 -10.04 -3.77
N THR A 159 -15.42 -9.57 -4.35
CA THR A 159 -15.09 -9.77 -5.78
C THR A 159 -14.68 -11.23 -6.03
N VAL A 160 -13.90 -11.84 -5.10
CA VAL A 160 -13.47 -13.24 -5.19
C VAL A 160 -14.72 -14.16 -5.12
N GLN A 161 -15.72 -13.81 -4.26
CA GLN A 161 -16.98 -14.55 -4.13
C GLN A 161 -17.71 -14.56 -5.46
N MET A 162 -17.82 -13.38 -6.10
CA MET A 162 -18.47 -13.19 -7.39
C MET A 162 -17.71 -13.93 -8.51
N LEU A 163 -16.36 -13.72 -8.57
CA LEU A 163 -15.46 -14.30 -9.56
C LEU A 163 -15.53 -15.84 -9.59
N LEU A 164 -15.76 -16.48 -8.43
CA LEU A 164 -15.84 -17.94 -8.33
C LEU A 164 -17.25 -18.46 -8.62
N ASN A 165 -18.27 -17.88 -7.95
CA ASN A 165 -19.66 -18.32 -8.05
C ASN A 165 -20.30 -18.02 -9.38
N ASP A 166 -20.12 -16.79 -9.90
CA ASP A 166 -20.78 -16.35 -11.12
C ASP A 166 -19.89 -16.30 -12.36
N THR A 167 -18.75 -15.57 -12.33
CA THR A 167 -17.86 -15.35 -13.47
C THR A 167 -17.25 -16.66 -14.02
N CYS A 168 -16.63 -17.52 -13.18
CA CYS A 168 -16.02 -18.78 -13.65
C CYS A 168 -17.04 -19.66 -14.39
N PRO A 169 -18.24 -20.02 -13.82
CA PRO A 169 -19.18 -20.88 -14.59
C PRO A 169 -19.65 -20.26 -15.89
N LEU A 170 -19.93 -18.94 -15.89
CA LEU A 170 -20.40 -18.21 -17.08
C LEU A 170 -19.30 -18.16 -18.15
N PHE A 171 -18.06 -17.87 -17.76
CA PHE A 171 -16.94 -17.79 -18.70
C PHE A 171 -16.62 -19.15 -19.34
N VAL A 172 -16.54 -20.23 -18.53
CA VAL A 172 -16.21 -21.58 -19.01
C VAL A 172 -17.34 -22.19 -19.84
N ARG A 173 -18.64 -21.95 -19.48
CA ARG A 173 -19.78 -22.46 -20.26
C ARG A 173 -19.64 -22.01 -21.71
N GLY A 174 -19.18 -20.77 -21.88
CA GLY A 174 -18.92 -20.13 -23.16
C GLY A 174 -17.55 -20.44 -23.73
N LEU A 175 -16.60 -20.89 -22.88
CA LEU A 175 -15.25 -21.25 -23.33
C LEU A 175 -15.27 -22.59 -24.05
N LEU A 176 -16.10 -23.53 -23.55
CA LEU A 176 -16.27 -24.89 -24.11
C LEU A 176 -16.95 -24.83 -25.48
N GLU A 177 -17.92 -23.92 -25.61
CA GLU A 177 -18.66 -23.70 -26.86
C GLU A 177 -17.75 -23.09 -27.91
N ALA A 178 -16.90 -22.11 -27.51
CA ALA A 178 -15.96 -21.42 -28.38
C ALA A 178 -14.86 -22.37 -28.88
N GLY A 179 -14.39 -23.28 -28.02
CA GLY A 179 -13.33 -24.22 -28.37
C GLY A 179 -13.72 -25.68 -28.53
N LYS A 180 -14.97 -25.94 -28.97
CA LYS A 180 -15.50 -27.29 -29.18
C LYS A 180 -14.65 -28.10 -30.16
N SER A 181 -14.33 -27.52 -31.35
CA SER A 181 -13.55 -28.15 -32.42
C SER A 181 -12.15 -28.62 -31.99
N ASP A 182 -11.47 -27.87 -31.10
CA ASP A 182 -10.12 -28.18 -30.63
C ASP A 182 -10.14 -29.29 -29.56
N LEU A 183 -11.08 -29.22 -28.60
CA LEU A 183 -11.25 -30.18 -27.51
C LEU A 183 -11.64 -31.58 -28.03
N GLU A 184 -12.57 -31.62 -29.02
CA GLU A 184 -13.10 -32.84 -29.62
C GLU A 184 -12.27 -33.31 -30.83
N LYS A 185 -11.06 -32.73 -31.00
CA LYS A 185 -10.14 -33.11 -32.09
C LYS A 185 -9.53 -34.46 -31.78
N GLN A 186 -9.49 -35.34 -32.79
CA GLN A 186 -8.95 -36.69 -32.68
C GLN A 186 -7.64 -36.81 -33.44
N GLU A 187 -6.59 -37.23 -32.72
CA GLU A 187 -5.24 -37.43 -33.26
C GLU A 187 -4.87 -38.89 -33.12
N LYS A 188 -4.59 -39.53 -34.25
CA LYS A 188 -4.28 -40.96 -34.33
C LYS A 188 -2.89 -41.26 -33.76
N PRO A 189 -2.77 -42.25 -32.82
CA PRO A 189 -1.44 -42.58 -32.27
C PRO A 189 -0.58 -43.36 -33.27
N VAL A 190 0.74 -43.29 -33.11
CA VAL A 190 1.71 -44.03 -33.91
C VAL A 190 2.61 -44.79 -32.93
N ALA A 191 2.68 -46.12 -33.08
CA ALA A 191 3.46 -46.94 -32.17
C ALA A 191 4.69 -47.58 -32.83
N TRP A 192 5.75 -47.80 -32.02
CA TRP A 192 6.99 -48.45 -32.40
C TRP A 192 7.53 -49.28 -31.23
N LEU A 193 8.27 -50.33 -31.54
CA LEU A 193 8.83 -51.24 -30.54
C LEU A 193 10.33 -51.13 -30.47
N SER A 194 10.85 -51.26 -29.24
CA SER A 194 12.28 -51.29 -28.92
C SER A 194 12.49 -52.20 -27.69
N SER A 195 13.73 -52.61 -27.45
CA SER A 195 14.07 -53.45 -26.29
C SER A 195 15.33 -52.92 -25.65
N VAL A 196 15.40 -53.08 -24.34
CA VAL A 196 16.52 -52.66 -23.52
C VAL A 196 16.86 -53.83 -22.57
N PRO A 197 18.05 -53.94 -21.93
CA PRO A 197 18.26 -55.05 -21.00
C PRO A 197 17.53 -54.77 -19.68
N SER A 198 17.06 -55.85 -19.06
CA SER A 198 16.37 -55.79 -17.78
C SER A 198 17.38 -55.64 -16.64
N SER A 199 16.90 -55.30 -15.45
CA SER A 199 17.74 -55.23 -14.26
C SER A 199 18.13 -56.63 -13.82
N ALA A 200 17.34 -57.64 -14.24
CA ALA A 200 17.57 -59.04 -13.93
C ALA A 200 18.34 -59.73 -15.03
N HIS A 201 19.28 -60.58 -14.62
CA HIS A 201 20.12 -61.36 -15.49
C HIS A 201 19.25 -62.28 -16.38
N GLY A 202 19.58 -62.32 -17.67
CA GLY A 202 18.92 -63.14 -18.68
C GLY A 202 17.57 -62.63 -19.12
N HIS A 203 17.19 -61.43 -18.66
CA HIS A 203 15.92 -60.80 -18.98
C HIS A 203 16.10 -59.59 -19.88
N ARG A 204 15.01 -59.20 -20.54
CA ARG A 204 14.95 -58.07 -21.46
C ARG A 204 13.70 -57.26 -21.18
N GLN A 205 13.81 -55.93 -21.27
CA GLN A 205 12.66 -55.04 -21.09
C GLN A 205 12.15 -54.56 -22.47
N LEU A 206 11.01 -55.14 -22.90
CA LEU A 206 10.33 -54.84 -24.16
C LEU A 206 9.53 -53.55 -23.98
N VAL A 207 9.84 -52.54 -24.79
CA VAL A 207 9.25 -51.21 -24.69
C VAL A 207 8.37 -50.94 -25.91
N CYS A 208 7.12 -50.54 -25.66
CA CYS A 208 6.19 -50.18 -26.72
C CYS A 208 5.94 -48.70 -26.66
N HIS A 209 6.55 -47.95 -27.57
CA HIS A 209 6.39 -46.50 -27.61
C HIS A 209 5.17 -46.16 -28.42
N VAL A 210 4.23 -45.38 -27.86
CA VAL A 210 3.03 -44.95 -28.58
C VAL A 210 2.91 -43.43 -28.40
N SER A 211 2.98 -42.67 -29.51
CA SER A 211 3.02 -41.21 -29.49
C SER A 211 2.06 -40.51 -30.47
N GLY A 212 1.74 -39.26 -30.14
CA GLY A 212 0.91 -38.37 -30.94
C GLY A 212 -0.59 -38.58 -30.91
N PHE A 213 -1.13 -39.03 -29.78
CA PHE A 213 -2.57 -39.29 -29.61
C PHE A 213 -3.28 -38.19 -28.84
N TYR A 214 -4.49 -37.86 -29.28
CA TYR A 214 -5.37 -36.90 -28.63
C TYR A 214 -6.83 -37.29 -28.90
N PRO A 215 -7.75 -37.33 -27.89
CA PRO A 215 -7.58 -36.99 -26.45
C PRO A 215 -6.69 -37.96 -25.68
N LYS A 216 -6.31 -37.55 -24.46
CA LYS A 216 -5.46 -38.27 -23.52
C LYS A 216 -5.89 -39.74 -23.27
N PRO A 217 -7.17 -40.13 -23.03
CA PRO A 217 -7.47 -41.56 -22.74
C PRO A 217 -7.05 -42.54 -23.85
N VAL A 218 -6.20 -43.52 -23.47
CA VAL A 218 -5.65 -44.56 -24.34
C VAL A 218 -5.62 -45.93 -23.63
N TRP A 219 -5.55 -47.04 -24.41
CA TRP A 219 -5.40 -48.40 -23.91
C TRP A 219 -4.23 -49.02 -24.62
N VAL A 220 -3.19 -49.43 -23.88
CA VAL A 220 -1.98 -50.03 -24.45
C VAL A 220 -1.67 -51.31 -23.66
N MET A 221 -1.46 -52.44 -24.35
CA MET A 221 -1.18 -53.70 -23.67
C MET A 221 -0.28 -54.61 -24.47
N TRP A 222 0.57 -55.37 -23.76
CA TRP A 222 1.36 -56.44 -24.34
C TRP A 222 0.49 -57.67 -24.31
N MET A 223 0.31 -58.28 -25.47
CA MET A 223 -0.55 -59.45 -25.64
C MET A 223 0.24 -60.66 -26.11
N ARG A 224 -0.33 -61.83 -25.89
CA ARG A 224 0.11 -63.12 -26.38
C ARG A 224 -1.21 -63.82 -26.75
N GLY A 225 -1.69 -63.46 -27.94
CA GLY A 225 -2.98 -63.92 -28.45
C GLY A 225 -4.06 -63.16 -27.72
N ASP A 226 -4.93 -63.89 -27.00
CA ASP A 226 -6.02 -63.32 -26.20
C ASP A 226 -5.57 -63.05 -24.74
N GLN A 227 -4.27 -63.26 -24.43
CA GLN A 227 -3.75 -63.09 -23.07
C GLN A 227 -3.02 -61.77 -22.87
N GLU A 228 -3.64 -60.88 -22.09
CA GLU A 228 -3.08 -59.61 -21.65
C GLU A 228 -1.97 -59.93 -20.66
N GLN A 229 -0.71 -59.63 -21.01
CA GLN A 229 0.47 -59.92 -20.17
C GLN A 229 0.41 -59.07 -18.91
N GLN A 230 0.04 -59.67 -17.78
CA GLN A 230 -0.18 -58.95 -16.51
C GLN A 230 1.07 -58.19 -15.96
N GLY A 231 2.24 -58.44 -16.53
CA GLY A 231 3.46 -57.75 -16.16
C GLY A 231 3.64 -56.44 -16.89
N THR A 232 2.74 -56.14 -17.86
CA THR A 232 2.82 -54.88 -18.62
C THR A 232 2.65 -53.68 -17.70
N HIS A 233 3.62 -52.76 -17.74
CA HIS A 233 3.63 -51.57 -16.94
C HIS A 233 3.30 -50.33 -17.80
N ARG A 234 2.22 -49.65 -17.42
CA ARG A 234 1.70 -48.44 -18.07
C ARG A 234 2.46 -47.24 -17.53
N GLY A 235 3.21 -46.59 -18.39
CA GLY A 235 3.98 -45.41 -18.02
C GLY A 235 3.10 -44.18 -17.83
N ASP A 236 3.74 -43.05 -17.49
CA ASP A 236 3.05 -41.78 -17.30
C ASP A 236 2.78 -41.15 -18.65
N PHE A 237 1.83 -40.22 -18.70
CA PHE A 237 1.53 -39.50 -19.92
C PHE A 237 2.50 -38.34 -20.05
N LEU A 238 3.37 -38.43 -21.05
CA LEU A 238 4.36 -37.40 -21.37
C LEU A 238 3.78 -36.54 -22.49
N PRO A 239 3.86 -35.19 -22.41
CA PRO A 239 3.25 -34.38 -23.47
C PRO A 239 4.14 -34.18 -24.69
N ASN A 240 3.51 -33.90 -25.83
CA ASN A 240 4.21 -33.55 -27.04
C ASN A 240 4.06 -32.05 -27.24
N ALA A 241 5.02 -31.41 -27.93
CA ALA A 241 5.01 -29.96 -28.16
C ALA A 241 3.83 -29.51 -29.03
N ASP A 242 3.25 -30.43 -29.82
CA ASP A 242 2.13 -30.14 -30.72
C ASP A 242 0.77 -30.47 -30.05
N GLU A 243 0.72 -30.39 -28.70
CA GLU A 243 -0.46 -30.62 -27.86
C GLU A 243 -1.05 -32.04 -28.02
N THR A 244 -0.19 -33.03 -28.28
CA THR A 244 -0.58 -34.44 -28.37
C THR A 244 0.10 -35.15 -27.20
N TRP A 245 -0.07 -36.47 -27.08
CA TRP A 245 0.47 -37.24 -25.97
C TRP A 245 1.36 -38.40 -26.35
N TYR A 246 2.28 -38.74 -25.44
CA TYR A 246 3.19 -39.88 -25.53
C TYR A 246 3.04 -40.76 -24.25
N LEU A 247 2.96 -42.08 -24.44
CA LEU A 247 2.87 -43.09 -23.39
C LEU A 247 3.59 -44.36 -23.86
N GLN A 248 4.34 -45.02 -22.98
CA GLN A 248 4.99 -46.27 -23.33
C GLN A 248 4.62 -47.37 -22.32
N ALA A 249 4.35 -48.59 -22.81
CA ALA A 249 4.05 -49.77 -21.98
C ALA A 249 5.24 -50.72 -22.02
N THR A 250 5.75 -51.06 -20.84
CA THR A 250 6.93 -51.90 -20.59
C THR A 250 6.53 -53.36 -20.29
N LEU A 251 7.36 -54.33 -20.72
CA LEU A 251 7.17 -55.75 -20.40
C LEU A 251 8.51 -56.41 -20.21
N ASP A 252 8.74 -56.91 -19.00
CA ASP A 252 9.94 -57.64 -18.68
C ASP A 252 9.78 -59.11 -19.11
N VAL A 253 10.52 -59.55 -20.16
CA VAL A 253 10.48 -60.96 -20.62
C VAL A 253 11.84 -61.62 -20.37
N GLU A 254 11.85 -62.97 -20.36
CA GLU A 254 13.05 -63.78 -20.32
C GLU A 254 13.58 -63.80 -21.72
N ALA A 255 14.87 -63.48 -21.94
CA ALA A 255 15.44 -63.45 -23.29
C ALA A 255 15.19 -64.78 -24.00
N GLY A 256 14.49 -64.70 -25.13
CA GLY A 256 14.09 -65.86 -25.91
C GLY A 256 12.58 -65.99 -26.03
N GLU A 257 11.84 -65.36 -25.08
CA GLU A 257 10.38 -65.39 -25.02
C GLU A 257 9.75 -64.25 -25.82
N GLU A 258 10.55 -63.40 -26.48
CA GLU A 258 10.04 -62.24 -27.21
C GLU A 258 9.10 -62.64 -28.36
N ALA A 259 9.42 -63.71 -29.09
CA ALA A 259 8.60 -64.20 -30.20
C ALA A 259 7.19 -64.57 -29.71
N GLY A 260 6.17 -64.03 -30.39
CA GLY A 260 4.76 -64.26 -30.07
C GLY A 260 4.04 -63.07 -29.50
N LEU A 261 4.78 -62.20 -28.80
CA LEU A 261 4.26 -60.99 -28.17
C LEU A 261 3.79 -59.97 -29.20
N ALA A 262 2.89 -59.07 -28.77
CA ALA A 262 2.33 -58.00 -29.59
C ALA A 262 1.90 -56.83 -28.73
N CYS A 263 2.14 -55.62 -29.21
CA CYS A 263 1.66 -54.45 -28.50
C CYS A 263 0.35 -54.03 -29.16
N ARG A 264 -0.76 -54.08 -28.40
CA ARG A 264 -2.09 -53.70 -28.87
C ARG A 264 -2.50 -52.36 -28.26
N VAL A 265 -2.90 -51.39 -29.10
CA VAL A 265 -3.28 -50.07 -28.61
C VAL A 265 -4.68 -49.69 -29.14
N LYS A 266 -5.57 -49.33 -28.21
CA LYS A 266 -6.95 -48.94 -28.45
C LYS A 266 -7.14 -47.43 -28.17
N HIS A 267 -7.62 -46.68 -29.18
CA HIS A 267 -7.85 -45.24 -29.08
C HIS A 267 -9.10 -44.82 -29.88
N SER A 268 -9.73 -43.73 -29.43
CA SER A 268 -10.96 -43.16 -29.99
C SER A 268 -10.82 -42.76 -31.47
N SER A 269 -9.62 -42.26 -31.86
CA SER A 269 -9.28 -41.79 -33.20
C SER A 269 -9.20 -42.91 -34.25
N LEU A 270 -8.85 -44.13 -33.83
CA LEU A 270 -8.69 -45.27 -34.74
C LEU A 270 -10.03 -45.82 -35.27
N GLY A 271 -11.08 -45.81 -34.44
CA GLY A 271 -12.42 -46.25 -34.81
C GLY A 271 -12.63 -47.75 -34.89
N GLY A 272 -12.07 -48.47 -33.91
CA GLY A 272 -12.17 -49.92 -33.83
C GLY A 272 -10.97 -50.64 -34.42
N GLN A 273 -10.26 -49.96 -35.34
CA GLN A 273 -9.06 -50.48 -36.01
C GLN A 273 -7.81 -50.24 -35.13
N ASP A 274 -7.65 -51.08 -34.08
CA ASP A 274 -6.52 -51.05 -33.14
C ASP A 274 -5.21 -51.32 -33.83
N ILE A 275 -4.13 -50.81 -33.26
CA ILE A 275 -2.78 -51.03 -33.78
C ILE A 275 -2.25 -52.32 -33.11
N ILE A 276 -2.06 -53.40 -33.89
CA ILE A 276 -1.51 -54.65 -33.35
C ILE A 276 -0.11 -54.75 -33.92
N LEU A 277 0.88 -54.48 -33.06
CA LEU A 277 2.31 -54.45 -33.38
C LEU A 277 3.04 -55.70 -32.89
N TYR A 278 3.25 -56.67 -33.79
CA TYR A 278 3.90 -57.95 -33.48
C TYR A 278 5.39 -57.80 -33.45
N TRP A 279 6.02 -58.44 -32.45
CA TRP A 279 7.45 -58.37 -32.21
C TRP A 279 8.25 -58.84 -33.45
N GLY A 280 8.54 -60.12 -33.60
CA GLY A 280 9.38 -60.62 -34.70
C GLY A 280 8.99 -60.37 -36.15
N SER A 281 7.89 -59.60 -36.39
CA SER A 281 7.37 -59.28 -37.72
C SER A 281 8.41 -58.56 -38.57
N LEU A 282 8.34 -58.73 -39.91
CA LEU A 282 9.24 -58.09 -40.86
C LEU A 282 9.15 -56.56 -40.80
N HIS A 283 7.98 -56.00 -40.44
CA HIS A 283 7.80 -54.56 -40.25
C HIS A 283 8.69 -54.10 -39.08
N HIS A 284 8.73 -54.89 -37.98
CA HIS A 284 9.56 -54.56 -36.82
C HIS A 284 11.04 -54.73 -37.18
N ILE A 285 11.43 -55.86 -37.82
CA ILE A 285 12.82 -56.10 -38.23
C ILE A 285 13.32 -54.91 -39.10
N LEU A 286 12.52 -54.48 -40.10
CA LEU A 286 12.80 -53.35 -41.00
C LEU A 286 12.90 -52.03 -40.23
N ASP A 287 12.02 -51.82 -39.22
CA ASP A 287 11.98 -50.64 -38.34
C ASP A 287 13.21 -50.57 -37.42
N ALA A 288 13.51 -51.69 -36.73
CA ALA A 288 14.62 -51.88 -35.79
C ALA A 288 15.97 -51.52 -36.42
N GLN A 289 16.16 -51.88 -37.70
CA GLN A 289 17.38 -51.59 -38.47
C GLN A 289 17.50 -50.09 -38.80
N LYS A 290 16.36 -49.35 -38.90
CA LYS A 290 16.35 -47.93 -39.21
C LYS A 290 16.78 -47.06 -38.00
N MET A 291 16.74 -47.62 -36.76
CA MET A 291 17.09 -46.87 -35.55
C MET A 291 18.36 -47.41 -34.82
N VAL A 292 19.22 -48.21 -35.49
CA VAL A 292 20.46 -48.76 -34.91
C VAL A 292 21.45 -47.62 -34.53
N TRP A 293 22.32 -47.87 -33.54
CA TRP A 293 23.32 -46.90 -33.07
C TRP A 293 24.48 -47.61 -32.33
N ASN A 294 25.51 -46.85 -31.93
CA ASN A 294 26.70 -47.34 -31.22
C ASN A 294 26.47 -47.59 -29.70
N HIS A 295 25.24 -47.31 -29.19
CA HIS A 295 24.80 -47.50 -27.79
C HIS A 295 25.64 -46.70 -26.76
N ARG A 296 26.40 -45.69 -27.22
CA ARG A 296 27.23 -44.85 -26.36
C ARG A 296 26.36 -44.01 -25.46
N HIS A 297 26.70 -44.03 -24.15
CA HIS A 297 26.05 -43.30 -23.04
C HIS A 297 24.63 -43.82 -22.76
N HIS A 298 24.41 -45.13 -22.94
CA HIS A 298 23.13 -45.79 -22.68
C HIS A 298 22.85 -45.86 -21.16
N HIS A 299 21.59 -46.17 -20.79
CA HIS A 299 21.14 -46.26 -19.40
C HIS A 299 21.26 -47.70 -18.88
N ILE B 1 17.83 -28.14 -2.38
CA ILE B 1 17.04 -26.95 -2.03
C ILE B 1 15.68 -27.38 -1.46
N GLN B 2 14.89 -28.14 -2.25
CA GLN B 2 13.59 -28.65 -1.82
C GLN B 2 13.31 -29.98 -2.55
N LYS B 3 13.14 -29.94 -3.88
CA LYS B 3 12.87 -31.14 -4.68
C LYS B 3 13.79 -31.23 -5.92
N THR B 4 14.27 -32.45 -6.22
CA THR B 4 15.15 -32.77 -7.35
C THR B 4 14.30 -32.97 -8.63
N PRO B 5 14.75 -32.45 -9.80
CA PRO B 5 13.96 -32.65 -11.03
C PRO B 5 14.11 -34.04 -11.64
N GLN B 6 13.11 -34.45 -12.44
CA GLN B 6 13.09 -35.70 -13.18
C GLN B 6 13.11 -35.36 -14.67
N ILE B 7 14.25 -35.62 -15.32
CA ILE B 7 14.53 -35.37 -16.73
C ILE B 7 14.18 -36.62 -17.54
N GLN B 8 13.30 -36.48 -18.54
CA GLN B 8 12.90 -37.57 -19.44
C GLN B 8 13.11 -37.14 -20.88
N VAL B 9 13.94 -37.87 -21.63
CA VAL B 9 14.27 -37.54 -23.03
C VAL B 9 13.62 -38.59 -23.94
N TYR B 10 12.76 -38.13 -24.88
CA TYR B 10 12.02 -38.97 -25.82
C TYR B 10 11.77 -38.24 -27.15
N SER B 11 11.71 -39.01 -28.25
CA SER B 11 11.46 -38.47 -29.60
C SER B 11 9.95 -38.46 -29.90
N ARG B 12 9.49 -37.41 -30.59
CA ARG B 12 8.10 -37.21 -30.99
C ARG B 12 7.62 -38.32 -31.95
N HIS B 13 8.37 -38.56 -33.04
CA HIS B 13 8.04 -39.56 -34.06
C HIS B 13 8.95 -40.79 -33.93
N PRO B 14 8.64 -41.94 -34.56
CA PRO B 14 9.56 -43.10 -34.45
C PRO B 14 10.96 -42.73 -34.96
N PRO B 15 12.04 -43.07 -34.22
CA PRO B 15 13.39 -42.71 -34.68
C PRO B 15 13.87 -43.48 -35.91
N GLU B 16 14.44 -42.74 -36.88
CA GLU B 16 15.00 -43.23 -38.14
C GLU B 16 16.27 -42.47 -38.43
N ASN B 17 17.40 -43.18 -38.59
CA ASN B 17 18.72 -42.62 -38.87
C ASN B 17 18.71 -41.78 -40.15
N GLY B 18 18.66 -40.46 -40.00
CA GLY B 18 18.68 -39.53 -41.12
C GLY B 18 17.43 -38.70 -41.33
N LYS B 19 16.27 -39.24 -40.95
CA LYS B 19 15.00 -38.51 -41.09
C LYS B 19 14.87 -37.45 -39.97
N PRO B 20 14.44 -36.20 -40.28
CA PRO B 20 14.30 -35.20 -39.21
C PRO B 20 13.14 -35.54 -38.27
N ASN B 21 13.33 -35.24 -36.98
CA ASN B 21 12.40 -35.52 -35.89
C ASN B 21 12.46 -34.38 -34.86
N ILE B 22 11.71 -34.52 -33.75
CA ILE B 22 11.66 -33.58 -32.62
C ILE B 22 12.07 -34.35 -31.34
N LEU B 23 13.15 -33.89 -30.67
CA LEU B 23 13.62 -34.47 -29.42
C LEU B 23 13.07 -33.66 -28.28
N ASN B 24 12.26 -34.31 -27.42
CA ASN B 24 11.63 -33.70 -26.27
C ASN B 24 12.40 -34.01 -24.98
N CYS B 25 12.40 -33.05 -24.05
CA CYS B 25 12.97 -33.13 -22.71
C CYS B 25 11.89 -32.68 -21.74
N TYR B 26 11.37 -33.61 -20.93
CA TYR B 26 10.29 -33.29 -20.00
C TYR B 26 10.85 -33.34 -18.58
N VAL B 27 11.05 -32.14 -18.02
CA VAL B 27 11.57 -31.92 -16.66
C VAL B 27 10.38 -31.75 -15.74
N THR B 28 10.33 -32.52 -14.64
CA THR B 28 9.21 -32.51 -13.68
C THR B 28 9.64 -32.66 -12.22
N GLN B 29 8.67 -32.50 -11.28
CA GLN B 29 8.79 -32.69 -9.82
C GLN B 29 9.89 -31.82 -9.17
N PHE B 30 10.17 -30.63 -9.71
CA PHE B 30 11.21 -29.77 -9.13
C PHE B 30 10.63 -28.58 -8.38
N HIS B 31 11.39 -28.15 -7.33
CA HIS B 31 11.06 -27.01 -6.48
C HIS B 31 12.35 -26.42 -5.88
N PRO B 32 12.59 -25.09 -5.95
CA PRO B 32 11.74 -24.01 -6.51
C PRO B 32 11.67 -23.98 -8.06
N PRO B 33 10.73 -23.21 -8.68
CA PRO B 33 10.64 -23.19 -10.15
C PRO B 33 11.84 -22.59 -10.89
N HIS B 34 12.87 -22.04 -10.23
CA HIS B 34 14.00 -21.53 -10.99
C HIS B 34 14.85 -22.70 -11.49
N ILE B 35 14.98 -22.82 -12.82
CA ILE B 35 15.72 -23.91 -13.46
C ILE B 35 16.38 -23.46 -14.77
N GLU B 36 17.59 -23.99 -15.04
CA GLU B 36 18.34 -23.76 -16.27
C GLU B 36 18.36 -25.09 -17.03
N ILE B 37 17.72 -25.14 -18.21
CA ILE B 37 17.64 -26.34 -19.04
C ILE B 37 18.26 -26.06 -20.40
N GLN B 38 19.19 -26.91 -20.82
CA GLN B 38 19.81 -26.81 -22.14
C GLN B 38 19.90 -28.20 -22.76
N MET B 39 19.80 -28.25 -24.10
CA MET B 39 19.87 -29.47 -24.89
C MET B 39 21.20 -29.51 -25.61
N LEU B 40 21.86 -30.67 -25.62
CA LEU B 40 23.17 -30.82 -26.24
C LEU B 40 23.17 -31.80 -27.39
N LYS B 41 24.03 -31.54 -28.41
CA LYS B 41 24.31 -32.41 -29.55
C LYS B 41 25.82 -32.61 -29.56
N ASN B 42 26.23 -33.83 -29.24
CA ASN B 42 27.59 -34.34 -29.05
C ASN B 42 28.11 -33.77 -27.73
N GLY B 43 28.58 -32.52 -27.72
CA GLY B 43 29.06 -31.88 -26.50
C GLY B 43 28.59 -30.45 -26.36
N LYS B 44 28.44 -29.76 -27.50
CA LYS B 44 28.00 -28.37 -27.56
C LYS B 44 26.50 -28.25 -27.41
N LYS B 45 26.05 -27.12 -26.84
CA LYS B 45 24.65 -26.80 -26.63
C LYS B 45 23.97 -26.48 -27.96
N ILE B 46 22.68 -26.82 -28.10
CA ILE B 46 21.90 -26.55 -29.32
C ILE B 46 21.49 -25.06 -29.25
N PRO B 47 21.95 -24.24 -30.24
CA PRO B 47 21.73 -22.77 -30.16
C PRO B 47 20.27 -22.28 -30.26
N LYS B 48 19.33 -23.14 -30.71
CA LYS B 48 17.93 -22.76 -30.82
C LYS B 48 17.06 -23.90 -30.31
N VAL B 49 16.58 -23.76 -29.07
CA VAL B 49 15.74 -24.72 -28.38
C VAL B 49 14.49 -23.99 -27.86
N GLU B 50 13.30 -24.52 -28.19
CA GLU B 50 12.02 -24.00 -27.73
C GLU B 50 11.61 -24.66 -26.41
N MET B 51 11.00 -23.89 -25.50
CA MET B 51 10.54 -24.34 -24.18
C MET B 51 9.10 -23.92 -23.96
N SER B 52 8.30 -24.77 -23.31
CA SER B 52 6.89 -24.50 -23.04
C SER B 52 6.74 -23.46 -21.92
N ASP B 53 5.49 -23.08 -21.61
CA ASP B 53 5.22 -22.19 -20.50
C ASP B 53 5.28 -23.00 -19.19
N MET B 54 6.23 -22.66 -18.31
CA MET B 54 6.42 -23.30 -17.01
C MET B 54 5.07 -23.31 -16.29
N SER B 55 4.66 -24.50 -15.86
CA SER B 55 3.38 -24.75 -15.21
C SER B 55 3.58 -25.67 -13.99
N PHE B 56 2.49 -26.22 -13.42
CA PHE B 56 2.54 -27.16 -12.29
C PHE B 56 1.30 -28.10 -12.26
N SER B 57 1.49 -29.30 -11.67
CA SER B 57 0.47 -30.33 -11.54
C SER B 57 -0.44 -30.09 -10.32
N LYS B 58 -1.48 -30.93 -10.14
CA LYS B 58 -2.42 -30.86 -9.01
C LYS B 58 -1.70 -31.14 -7.67
N ASP B 59 -0.53 -31.83 -7.71
CA ASP B 59 0.29 -32.14 -6.53
C ASP B 59 1.32 -31.00 -6.26
N TRP B 60 1.10 -29.81 -6.90
CA TRP B 60 1.87 -28.57 -6.77
C TRP B 60 3.34 -28.68 -7.28
N SER B 61 3.67 -29.74 -8.02
CA SER B 61 5.00 -29.96 -8.57
C SER B 61 5.10 -29.32 -9.95
N PHE B 62 6.20 -28.60 -10.20
CA PHE B 62 6.41 -27.91 -11.46
C PHE B 62 6.82 -28.86 -12.59
N TYR B 63 6.56 -28.43 -13.84
CA TYR B 63 6.91 -29.13 -15.08
C TYR B 63 7.13 -28.13 -16.20
N ILE B 64 8.01 -28.48 -17.14
CA ILE B 64 8.33 -27.68 -18.34
C ILE B 64 8.82 -28.63 -19.43
N LEU B 65 8.37 -28.39 -20.68
CA LEU B 65 8.76 -29.19 -21.83
C LEU B 65 9.68 -28.40 -22.76
N ALA B 66 10.88 -28.95 -22.99
CA ALA B 66 11.88 -28.40 -23.90
C ALA B 66 11.93 -29.30 -25.13
N HIS B 67 11.98 -28.73 -26.33
CA HIS B 67 11.98 -29.51 -27.56
C HIS B 67 12.80 -28.81 -28.63
N THR B 68 13.49 -29.62 -29.48
CA THR B 68 14.32 -29.11 -30.57
C THR B 68 14.22 -30.01 -31.79
N GLU B 69 14.55 -29.45 -32.95
CA GLU B 69 14.60 -30.22 -34.20
C GLU B 69 15.96 -30.93 -34.21
N PHE B 70 15.98 -32.22 -34.57
CA PHE B 70 17.22 -33.00 -34.62
C PHE B 70 17.11 -34.12 -35.66
N THR B 71 18.25 -34.58 -36.14
CA THR B 71 18.32 -35.71 -37.07
C THR B 71 19.10 -36.81 -36.35
N PRO B 72 18.41 -37.88 -35.90
CA PRO B 72 19.13 -38.98 -35.21
C PRO B 72 20.03 -39.74 -36.17
N THR B 73 21.17 -40.25 -35.66
CA THR B 73 22.14 -41.05 -36.43
C THR B 73 22.73 -42.15 -35.55
N GLU B 74 23.60 -42.98 -36.15
CA GLU B 74 24.26 -44.09 -35.47
C GLU B 74 25.36 -43.61 -34.49
N THR B 75 25.92 -42.41 -34.75
CA THR B 75 27.07 -41.86 -34.02
C THR B 75 26.84 -40.57 -33.19
N ASP B 76 25.92 -39.67 -33.61
CA ASP B 76 25.71 -38.39 -32.92
C ASP B 76 25.06 -38.55 -31.54
N THR B 77 25.72 -37.96 -30.52
CA THR B 77 25.31 -37.96 -29.11
C THR B 77 24.27 -36.85 -28.87
N TYR B 78 23.23 -37.15 -28.06
CA TYR B 78 22.19 -36.20 -27.69
C TYR B 78 21.94 -36.31 -26.18
N ALA B 79 21.76 -35.15 -25.50
CA ALA B 79 21.54 -35.10 -24.04
C ALA B 79 20.76 -33.85 -23.60
N CYS B 80 20.19 -33.89 -22.38
CA CYS B 80 19.48 -32.80 -21.74
C CYS B 80 20.18 -32.47 -20.44
N ARG B 81 20.88 -31.33 -20.40
CA ARG B 81 21.60 -30.83 -19.23
C ARG B 81 20.65 -29.93 -18.44
N VAL B 82 20.53 -30.17 -17.12
CA VAL B 82 19.65 -29.42 -16.23
C VAL B 82 20.43 -28.92 -14.99
N LYS B 83 20.30 -27.61 -14.71
CA LYS B 83 20.91 -26.92 -13.57
C LYS B 83 19.81 -26.44 -12.63
N HIS B 84 19.78 -26.98 -11.41
CA HIS B 84 18.78 -26.65 -10.40
C HIS B 84 19.46 -26.52 -9.03
N ALA B 85 18.85 -25.74 -8.12
CA ALA B 85 19.38 -25.49 -6.78
C ALA B 85 19.43 -26.77 -5.90
N SER B 86 18.69 -27.84 -6.28
CA SER B 86 18.67 -29.10 -5.55
C SER B 86 19.96 -29.91 -5.79
N MET B 87 20.66 -29.68 -6.92
CA MET B 87 21.87 -30.41 -7.28
C MET B 87 23.10 -29.50 -7.33
N ALA B 88 24.20 -29.94 -6.66
CA ALA B 88 25.48 -29.22 -6.57
C ALA B 88 26.20 -29.14 -7.92
N GLU B 89 25.85 -30.07 -8.84
CA GLU B 89 26.38 -30.17 -10.19
C GLU B 89 25.24 -30.35 -11.19
N PRO B 90 25.35 -29.85 -12.45
CA PRO B 90 24.24 -30.05 -13.40
C PRO B 90 24.07 -31.51 -13.80
N LYS B 91 22.83 -32.01 -13.75
CA LYS B 91 22.50 -33.39 -14.10
C LYS B 91 22.14 -33.49 -15.58
N THR B 92 23.08 -33.99 -16.38
CA THR B 92 22.92 -34.20 -17.82
C THR B 92 22.41 -35.64 -18.03
N VAL B 93 21.35 -35.81 -18.85
CA VAL B 93 20.73 -37.08 -19.16
C VAL B 93 20.71 -37.25 -20.67
N TYR B 94 21.41 -38.29 -21.14
CA TYR B 94 21.53 -38.61 -22.57
C TYR B 94 20.26 -39.28 -23.11
N TRP B 95 20.07 -39.21 -24.45
CA TRP B 95 18.93 -39.81 -25.11
C TRP B 95 19.23 -41.25 -25.51
N ASP B 96 18.42 -42.19 -24.98
CA ASP B 96 18.52 -43.61 -25.28
C ASP B 96 17.22 -44.01 -25.98
N ARG B 97 17.24 -44.15 -27.32
CA ARG B 97 16.06 -44.47 -28.14
C ARG B 97 15.34 -45.77 -27.74
N ASP B 98 16.10 -46.72 -27.15
CA ASP B 98 15.60 -48.03 -26.70
C ASP B 98 14.98 -47.93 -25.29
N MET B 99 15.16 -46.79 -24.58
CA MET B 99 14.63 -46.55 -23.23
C MET B 99 13.27 -45.89 -23.28
N THR C 1 1.84 14.19 -7.30
CA THR C 1 1.05 14.12 -6.06
C THR C 1 -0.19 13.24 -6.29
N GLN C 2 -0.31 12.15 -5.51
CA GLN C 2 -1.40 11.19 -5.64
C GLN C 2 -2.74 11.70 -5.08
N VAL C 3 -2.75 12.65 -4.13
CA VAL C 3 -3.99 13.21 -3.55
C VAL C 3 -3.89 14.75 -3.58
N GLU C 4 -4.80 15.40 -4.29
CA GLU C 4 -4.81 16.86 -4.46
C GLU C 4 -6.14 17.42 -4.00
N GLN C 5 -6.09 18.44 -3.12
CA GLN C 5 -7.29 19.08 -2.59
C GLN C 5 -7.42 20.52 -3.07
N SER C 6 -8.61 20.90 -3.55
CA SER C 6 -8.90 22.24 -4.02
C SER C 6 -10.13 22.80 -3.30
N PRO C 7 -10.14 24.10 -2.92
CA PRO C 7 -9.07 25.10 -3.07
C PRO C 7 -8.05 24.92 -1.94
N GLN C 8 -6.88 25.60 -1.99
CA GLN C 8 -5.89 25.48 -0.91
C GLN C 8 -6.43 26.06 0.39
N SER C 9 -7.26 27.13 0.28
CA SER C 9 -7.94 27.81 1.39
C SER C 9 -9.26 28.41 0.90
N LEU C 10 -10.26 28.41 1.77
CA LEU C 10 -11.59 28.94 1.50
C LEU C 10 -12.07 29.79 2.66
N VAL C 11 -12.67 30.94 2.34
CA VAL C 11 -13.27 31.85 3.32
C VAL C 11 -14.79 31.83 3.10
N VAL C 12 -15.55 31.64 4.19
CA VAL C 12 -17.03 31.62 4.16
C VAL C 12 -17.62 32.49 5.28
N ARG C 13 -18.78 33.09 5.00
CA ARG C 13 -19.53 33.87 5.96
C ARG C 13 -20.28 32.92 6.89
N GLN C 14 -20.31 33.23 8.21
CA GLN C 14 -20.97 32.41 9.22
C GLN C 14 -22.43 32.14 8.81
N GLY C 15 -22.77 30.85 8.69
CA GLY C 15 -24.11 30.42 8.32
C GLY C 15 -24.28 29.97 6.87
N GLU C 16 -23.27 30.25 6.00
CA GLU C 16 -23.28 29.89 4.59
C GLU C 16 -22.71 28.46 4.37
N ASN C 17 -22.84 27.91 3.14
CA ASN C 17 -22.36 26.57 2.79
C ASN C 17 -20.92 26.58 2.25
N SER C 18 -20.17 25.50 2.51
CA SER C 18 -18.80 25.33 2.05
C SER C 18 -18.65 24.04 1.30
N VAL C 19 -18.00 24.10 0.11
CA VAL C 19 -17.73 22.91 -0.66
C VAL C 19 -16.24 22.76 -0.84
N LEU C 20 -15.73 21.61 -0.43
CA LEU C 20 -14.33 21.23 -0.46
C LEU C 20 -14.16 20.09 -1.43
N GLN C 21 -13.16 20.15 -2.30
CA GLN C 21 -12.97 19.12 -3.33
C GLN C 21 -11.72 18.26 -3.08
N CYS C 22 -11.77 16.98 -3.47
CA CYS C 22 -10.65 16.06 -3.41
C CYS C 22 -10.60 15.26 -4.70
N ASN C 23 -9.42 15.21 -5.34
CA ASN C 23 -9.18 14.47 -6.59
C ASN C 23 -7.91 13.65 -6.39
N TYR C 24 -7.93 12.34 -6.77
CA TYR C 24 -6.78 11.44 -6.53
C TYR C 24 -6.43 10.53 -7.73
N SER C 25 -5.21 9.93 -7.70
CA SER C 25 -4.71 9.00 -8.72
C SER C 25 -4.22 7.66 -8.10
N VAL C 26 -4.58 7.43 -6.81
CA VAL C 26 -4.24 6.27 -6.00
C VAL C 26 -4.87 5.03 -6.62
N THR C 27 -4.07 3.95 -6.74
CA THR C 27 -4.51 2.68 -7.32
C THR C 27 -4.00 1.51 -6.49
N PRO C 28 -4.89 0.63 -5.98
CA PRO C 28 -6.36 0.70 -6.00
C PRO C 28 -6.87 1.72 -4.96
N ASP C 29 -8.19 2.00 -4.96
CA ASP C 29 -8.78 2.97 -4.04
C ASP C 29 -9.89 2.31 -3.23
N ASN C 30 -9.56 1.87 -2.02
CA ASN C 30 -10.53 1.17 -1.18
C ASN C 30 -11.55 2.12 -0.54
N HIS C 31 -11.08 3.22 0.07
CA HIS C 31 -11.95 4.17 0.75
C HIS C 31 -11.34 5.57 0.74
N LEU C 32 -12.20 6.58 0.98
CA LEU C 32 -11.82 7.98 1.09
C LEU C 32 -12.34 8.51 2.41
N ARG C 33 -11.41 9.05 3.22
CA ARG C 33 -11.72 9.58 4.53
C ARG C 33 -11.51 11.09 4.54
N TRP C 34 -12.36 11.81 5.28
CA TRP C 34 -12.31 13.25 5.48
C TRP C 34 -12.04 13.54 6.95
N PHE C 35 -10.88 14.18 7.22
CA PHE C 35 -10.45 14.55 8.55
C PHE C 35 -10.57 16.05 8.80
N LYS C 36 -10.85 16.44 10.06
CA LYS C 36 -10.88 17.83 10.53
C LYS C 36 -9.69 18.01 11.44
N GLN C 37 -8.89 19.05 11.19
CA GLN C 37 -7.70 19.33 12.00
C GLN C 37 -7.67 20.79 12.43
N ASP C 38 -7.92 21.04 13.72
CA ASP C 38 -7.84 22.38 14.31
C ASP C 38 -6.37 22.71 14.48
N THR C 39 -6.01 24.01 14.37
CA THR C 39 -4.63 24.52 14.50
C THR C 39 -4.01 24.03 15.80
N GLY C 40 -2.90 23.30 15.67
CA GLY C 40 -2.17 22.70 16.77
C GLY C 40 -2.82 21.44 17.34
N LYS C 41 -3.97 21.03 16.80
CA LYS C 41 -4.69 19.84 17.26
C LYS C 41 -4.45 18.64 16.31
N GLY C 42 -4.92 17.46 16.74
CA GLY C 42 -4.81 16.23 15.98
C GLY C 42 -5.89 16.04 14.90
N LEU C 43 -5.91 14.85 14.30
CA LEU C 43 -6.85 14.54 13.21
C LEU C 43 -8.09 13.80 13.72
N VAL C 44 -9.25 14.46 13.58
CA VAL C 44 -10.57 13.94 13.99
C VAL C 44 -11.30 13.53 12.71
N SER C 45 -11.72 12.25 12.63
CA SER C 45 -12.42 11.73 11.45
C SER C 45 -13.85 12.25 11.37
N LEU C 46 -14.28 12.73 10.19
CA LEU C 46 -15.63 13.25 9.98
C LEU C 46 -16.51 12.25 9.27
N THR C 47 -16.00 11.61 8.17
CA THR C 47 -16.74 10.60 7.39
C THR C 47 -15.82 9.72 6.48
N VAL C 48 -16.29 8.47 6.18
CA VAL C 48 -15.61 7.46 5.35
C VAL C 48 -16.56 6.95 4.26
N LEU C 49 -16.13 7.02 2.98
CA LEU C 49 -16.89 6.55 1.80
C LEU C 49 -16.16 5.36 1.23
N VAL C 50 -16.89 4.26 0.99
CA VAL C 50 -16.27 2.98 0.58
C VAL C 50 -16.72 2.45 -0.81
N ASP C 51 -17.94 2.77 -1.28
CA ASP C 51 -18.48 2.25 -2.55
C ASP C 51 -18.11 3.12 -3.75
N GLN C 52 -18.14 2.52 -4.98
CA GLN C 52 -17.86 3.15 -6.29
C GLN C 52 -18.62 4.47 -6.46
N LYS C 53 -19.90 4.50 -6.07
CA LYS C 53 -20.74 5.70 -6.07
C LYS C 53 -21.37 5.78 -4.67
N ASP C 54 -20.69 6.48 -3.75
CA ASP C 54 -21.12 6.59 -2.36
C ASP C 54 -21.50 8.03 -1.97
N LYS C 55 -22.38 8.13 -0.96
CA LYS C 55 -22.88 9.35 -0.35
C LYS C 55 -22.98 9.11 1.15
N THR C 56 -22.51 10.03 1.95
CA THR C 56 -22.50 9.87 3.41
C THR C 56 -22.92 11.16 4.11
N SER C 57 -23.32 11.07 5.41
CA SER C 57 -23.71 12.22 6.22
C SER C 57 -23.43 12.01 7.72
N ASN C 58 -22.89 13.05 8.36
CA ASN C 58 -22.56 13.15 9.79
C ASN C 58 -23.18 14.46 10.32
N GLY C 59 -24.50 14.54 10.20
CA GLY C 59 -25.27 15.70 10.61
C GLY C 59 -25.08 16.84 9.64
N ARG C 60 -24.26 17.80 10.03
CA ARG C 60 -23.94 18.98 9.24
C ARG C 60 -22.91 18.71 8.13
N TYR C 61 -22.14 17.60 8.24
CA TYR C 61 -21.13 17.18 7.27
C TYR C 61 -21.69 16.15 6.32
N SER C 62 -21.69 16.42 5.03
CA SER C 62 -22.14 15.47 4.01
C SER C 62 -21.04 15.30 2.97
N ALA C 63 -20.90 14.11 2.35
CA ALA C 63 -19.86 13.90 1.34
C ALA C 63 -20.27 12.93 0.26
N THR C 64 -19.65 13.07 -0.92
CA THR C 64 -19.90 12.21 -2.07
C THR C 64 -18.59 11.50 -2.45
N LEU C 65 -18.67 10.45 -3.26
CA LEU C 65 -17.52 9.74 -3.79
C LEU C 65 -17.87 9.13 -5.12
N ASP C 66 -17.09 9.47 -6.15
CA ASP C 66 -17.18 8.89 -7.47
C ASP C 66 -15.82 8.26 -7.75
N LYS C 67 -15.72 6.94 -7.51
CA LYS C 67 -14.48 6.19 -7.70
C LYS C 67 -14.09 6.07 -9.18
N ASP C 68 -15.02 6.39 -10.10
CA ASP C 68 -14.77 6.35 -11.54
C ASP C 68 -14.01 7.62 -11.93
N ALA C 69 -14.49 8.78 -11.49
CA ALA C 69 -13.86 10.09 -11.74
C ALA C 69 -12.74 10.35 -10.71
N LYS C 70 -12.57 9.40 -9.76
CA LYS C 70 -11.61 9.43 -8.65
C LYS C 70 -11.67 10.83 -8.04
N HIS C 71 -12.87 11.17 -7.52
CA HIS C 71 -13.15 12.49 -6.95
C HIS C 71 -14.21 12.43 -5.83
N SER C 72 -13.93 13.13 -4.73
CA SER C 72 -14.85 13.27 -3.60
C SER C 72 -15.09 14.74 -3.27
N THR C 73 -16.29 15.07 -2.81
CA THR C 73 -16.58 16.44 -2.41
C THR C 73 -17.22 16.43 -1.01
N LEU C 74 -16.79 17.36 -0.14
CA LEU C 74 -17.30 17.52 1.23
C LEU C 74 -18.14 18.80 1.36
N HIS C 75 -19.39 18.65 1.81
CA HIS C 75 -20.34 19.73 2.00
C HIS C 75 -20.52 20.02 3.49
N ILE C 76 -20.22 21.25 3.89
CA ILE C 76 -20.44 21.71 5.27
C ILE C 76 -21.56 22.77 5.14
N THR C 77 -22.81 22.37 5.45
CA THR C 77 -23.95 23.28 5.32
C THR C 77 -24.20 24.02 6.64
N ALA C 78 -24.52 25.34 6.56
CA ALA C 78 -24.72 26.25 7.70
C ALA C 78 -23.49 26.24 8.61
N THR C 79 -22.35 26.71 8.09
CA THR C 79 -21.07 26.72 8.78
C THR C 79 -21.06 27.58 10.02
N LEU C 80 -20.57 26.99 11.12
CA LEU C 80 -20.40 27.62 12.41
C LEU C 80 -19.03 28.26 12.45
N LEU C 81 -18.76 29.12 13.43
CA LEU C 81 -17.45 29.77 13.54
C LEU C 81 -16.38 28.76 14.03
N ASP C 82 -16.81 27.66 14.67
CA ASP C 82 -16.00 26.59 15.23
C ASP C 82 -15.51 25.60 14.15
N ASP C 83 -16.01 25.76 12.90
CA ASP C 83 -15.60 24.94 11.76
C ASP C 83 -14.31 25.45 11.13
N THR C 84 -13.72 26.55 11.66
CA THR C 84 -12.44 27.12 11.19
C THR C 84 -11.33 26.14 11.56
N ALA C 85 -10.84 25.39 10.53
CA ALA C 85 -9.82 24.33 10.62
C ALA C 85 -9.37 23.86 9.23
N THR C 86 -8.40 22.94 9.19
CA THR C 86 -7.92 22.34 7.95
C THR C 86 -8.64 21.02 7.78
N TYR C 87 -9.21 20.81 6.57
CA TYR C 87 -9.92 19.59 6.22
C TYR C 87 -9.04 18.80 5.27
N ILE C 88 -8.66 17.58 5.71
CA ILE C 88 -7.74 16.70 4.99
C ILE C 88 -8.49 15.51 4.41
N CYS C 89 -8.16 15.18 3.16
CA CYS C 89 -8.70 14.07 2.39
C CYS C 89 -7.65 12.96 2.32
N VAL C 90 -8.00 11.75 2.77
CA VAL C 90 -7.12 10.58 2.78
C VAL C 90 -7.71 9.44 1.93
N VAL C 91 -6.85 8.74 1.15
CA VAL C 91 -7.26 7.62 0.31
C VAL C 91 -6.48 6.35 0.72
N GLY C 92 -7.20 5.33 1.17
CA GLY C 92 -6.61 4.05 1.55
C GLY C 92 -6.60 3.09 0.38
N ASP C 93 -5.44 2.43 0.13
CA ASP C 93 -5.34 1.52 -1.02
C ASP C 93 -5.69 0.03 -0.70
N ARG C 94 -6.14 -0.30 0.53
CA ARG C 94 -6.62 -1.66 0.90
C ARG C 94 -7.71 -1.56 1.95
N GLY C 95 -8.56 -2.58 2.01
CA GLY C 95 -9.61 -2.68 3.01
C GLY C 95 -9.15 -3.32 4.30
N SER C 96 -7.84 -3.24 4.58
CA SER C 96 -7.19 -3.82 5.77
C SER C 96 -5.91 -3.04 6.17
N ALA C 97 -5.19 -3.55 7.20
CA ALA C 97 -3.95 -3.00 7.76
C ALA C 97 -2.79 -3.05 6.75
N LEU C 98 -2.92 -3.85 5.67
CA LEU C 98 -1.90 -4.00 4.62
C LEU C 98 -1.79 -2.76 3.72
N GLY C 99 -2.85 -1.95 3.71
CA GLY C 99 -2.95 -0.73 2.94
C GLY C 99 -2.16 0.44 3.47
N ARG C 100 -1.81 1.34 2.56
CA ARG C 100 -1.10 2.57 2.83
C ARG C 100 -2.09 3.71 2.74
N LEU C 101 -1.92 4.74 3.58
CA LEU C 101 -2.80 5.91 3.52
C LEU C 101 -2.11 7.01 2.72
N HIS C 102 -2.86 7.65 1.82
CA HIS C 102 -2.35 8.70 0.95
C HIS C 102 -3.08 9.97 1.30
N PHE C 103 -2.39 10.84 2.06
CA PHE C 103 -2.89 12.09 2.61
C PHE C 103 -2.76 13.28 1.68
N GLY C 104 -3.85 14.07 1.61
CA GLY C 104 -3.90 15.34 0.89
C GLY C 104 -3.23 16.42 1.71
N ALA C 105 -2.92 17.57 1.09
CA ALA C 105 -2.24 18.67 1.79
C ALA C 105 -3.20 19.49 2.66
N GLY C 106 -4.49 19.21 2.52
CA GLY C 106 -5.55 19.87 3.27
C GLY C 106 -6.01 21.17 2.65
N THR C 107 -7.22 21.61 3.02
CA THR C 107 -7.76 22.88 2.58
C THR C 107 -8.16 23.65 3.85
N GLN C 108 -7.57 24.85 4.06
CA GLN C 108 -7.83 25.69 5.23
C GLN C 108 -9.19 26.39 5.13
N LEU C 109 -10.10 26.11 6.07
CA LEU C 109 -11.40 26.78 6.11
C LEU C 109 -11.37 27.89 7.13
N ILE C 110 -11.76 29.10 6.72
CA ILE C 110 -11.83 30.29 7.58
C ILE C 110 -13.28 30.75 7.59
N VAL C 111 -13.93 30.68 8.76
CA VAL C 111 -15.32 31.11 8.92
C VAL C 111 -15.28 32.51 9.53
N ILE C 112 -15.73 33.53 8.77
CA ILE C 112 -15.75 34.92 9.20
C ILE C 112 -17.15 35.30 9.76
N PRO C 113 -17.25 35.96 10.94
CA PRO C 113 -18.58 36.29 11.50
C PRO C 113 -19.19 37.53 10.84
N ASP C 114 -20.52 37.68 10.95
CA ASP C 114 -21.11 38.89 10.37
C ASP C 114 -21.03 40.03 11.37
N ILE C 115 -20.45 41.17 10.95
CA ILE C 115 -20.33 42.35 11.80
C ILE C 115 -21.56 43.21 11.49
N GLN C 116 -22.59 43.05 12.33
CA GLN C 116 -23.90 43.67 12.16
C GLN C 116 -23.81 45.21 12.05
N ASN C 117 -22.94 45.86 12.85
CA ASN C 117 -22.77 47.33 12.80
C ASN C 117 -21.28 47.68 12.90
N PRO C 118 -20.55 47.83 11.76
CA PRO C 118 -19.13 48.20 11.85
C PRO C 118 -18.95 49.59 12.46
N ASP C 119 -17.94 49.75 13.32
CA ASP C 119 -17.57 50.99 14.03
C ASP C 119 -16.03 51.18 13.91
N PRO C 120 -15.47 51.20 12.66
CA PRO C 120 -14.01 51.23 12.52
C PRO C 120 -13.34 52.34 13.29
N ALA C 121 -12.33 51.96 14.08
CA ALA C 121 -11.57 52.91 14.87
C ALA C 121 -10.18 52.35 15.14
N VAL C 122 -9.20 53.27 15.28
CA VAL C 122 -7.79 52.97 15.58
C VAL C 122 -7.46 53.71 16.86
N TYR C 123 -7.36 52.95 17.97
CA TYR C 123 -7.08 53.49 19.29
C TYR C 123 -5.60 53.28 19.68
N GLN C 124 -5.09 54.11 20.60
CA GLN C 124 -3.74 54.00 21.11
C GLN C 124 -3.80 53.67 22.59
N LEU C 125 -3.28 52.48 22.95
CA LEU C 125 -3.30 52.00 24.33
C LEU C 125 -1.90 52.14 24.90
N ARG C 126 -1.75 52.69 26.12
CA ARG C 126 -0.44 52.88 26.76
C ARG C 126 -0.22 51.79 27.83
N ASP C 127 1.05 51.41 28.06
CA ASP C 127 1.44 50.37 29.01
C ASP C 127 1.02 50.69 30.44
N SER C 128 0.72 49.63 31.24
CA SER C 128 0.36 49.76 32.64
C SER C 128 1.59 50.20 33.45
N LYS C 129 2.79 49.76 33.00
CA LYS C 129 4.09 50.14 33.59
C LYS C 129 4.48 51.56 33.12
N SER C 130 5.30 52.28 33.91
CA SER C 130 5.77 53.64 33.60
C SER C 130 6.90 53.58 32.53
N SER C 131 6.63 52.83 31.43
CA SER C 131 7.52 52.51 30.32
C SER C 131 7.52 53.53 29.16
N ASP C 132 6.42 54.29 28.99
CA ASP C 132 6.23 55.28 27.91
C ASP C 132 5.96 54.58 26.53
N LYS C 133 6.13 53.24 26.43
CA LYS C 133 5.82 52.54 25.19
C LYS C 133 4.31 52.33 25.05
N SER C 134 3.82 52.06 23.82
CA SER C 134 2.40 51.88 23.55
C SER C 134 2.13 51.03 22.31
N VAL C 135 0.86 50.69 22.05
CA VAL C 135 0.39 49.92 20.89
C VAL C 135 -0.77 50.68 20.18
N CYS C 136 -1.11 50.23 18.95
CA CYS C 136 -2.23 50.73 18.13
C CYS C 136 -3.19 49.58 17.94
N LEU C 137 -4.50 49.84 18.10
CA LEU C 137 -5.52 48.82 17.97
C LEU C 137 -6.55 49.17 16.90
N PHE C 138 -6.54 48.43 15.78
CA PHE C 138 -7.56 48.62 14.73
C PHE C 138 -8.69 47.69 15.10
N THR C 139 -9.83 48.24 15.46
CA THR C 139 -10.91 47.38 15.92
C THR C 139 -12.27 47.80 15.35
N ASP C 140 -13.26 46.88 15.50
CA ASP C 140 -14.68 47.00 15.14
C ASP C 140 -14.91 47.28 13.64
N PHE C 141 -14.05 46.77 12.77
CA PHE C 141 -14.22 46.93 11.32
C PHE C 141 -15.02 45.76 10.78
N ASP C 142 -15.53 45.90 9.53
CA ASP C 142 -16.26 44.85 8.84
C ASP C 142 -15.36 43.63 8.64
N SER C 143 -15.94 42.42 8.58
CA SER C 143 -15.15 41.19 8.39
C SER C 143 -14.62 41.07 6.95
N GLN C 144 -15.09 41.95 6.03
CA GLN C 144 -14.63 42.03 4.64
C GLN C 144 -13.23 42.65 4.57
N THR C 145 -12.94 43.63 5.47
CA THR C 145 -11.66 44.35 5.63
C THR C 145 -10.54 43.36 6.07
N ASN C 146 -9.43 43.33 5.31
CA ASN C 146 -8.27 42.46 5.58
C ASN C 146 -7.08 43.31 6.00
N VAL C 147 -6.41 42.87 7.07
CA VAL C 147 -5.27 43.61 7.62
C VAL C 147 -3.99 43.23 6.88
N SER C 148 -3.37 44.24 6.25
CA SER C 148 -2.12 44.08 5.53
C SER C 148 -0.95 44.24 6.49
N GLN C 149 0.08 43.42 6.33
CA GLN C 149 1.26 43.52 7.18
C GLN C 149 2.09 44.74 6.76
N SER C 150 3.14 45.04 7.53
CA SER C 150 4.00 46.19 7.35
C SER C 150 5.01 46.03 6.23
N LYS C 151 5.21 47.12 5.48
CA LYS C 151 6.18 47.28 4.41
C LYS C 151 7.48 47.84 5.03
N ASP C 152 7.36 48.30 6.29
CA ASP C 152 8.43 48.83 7.14
C ASP C 152 8.87 47.75 8.13
N SER C 153 10.18 47.45 8.16
CA SER C 153 10.79 46.41 9.01
C SER C 153 10.71 46.74 10.51
N ASP C 154 10.71 48.03 10.88
CA ASP C 154 10.66 48.50 12.26
C ASP C 154 9.23 48.58 12.84
N VAL C 155 8.20 48.28 12.01
CA VAL C 155 6.79 48.31 12.38
C VAL C 155 6.28 46.87 12.37
N TYR C 156 5.56 46.46 13.43
CA TYR C 156 5.03 45.10 13.54
C TYR C 156 3.51 45.14 13.55
N ILE C 157 2.85 44.49 12.58
CA ILE C 157 1.38 44.48 12.45
C ILE C 157 0.85 43.04 12.49
N THR C 158 -0.02 42.78 13.46
CA THR C 158 -0.71 41.52 13.73
C THR C 158 -1.87 41.35 12.74
N ASP C 159 -2.47 40.15 12.67
CA ASP C 159 -3.59 39.85 11.78
C ASP C 159 -4.93 40.02 12.53
N LYS C 160 -6.06 40.09 11.79
CA LYS C 160 -7.39 40.26 12.38
C LYS C 160 -7.75 39.06 13.29
N CYS C 161 -8.37 39.38 14.42
CA CYS C 161 -8.72 38.48 15.52
C CYS C 161 -10.14 38.79 16.00
N VAL C 162 -11.10 37.88 15.73
CA VAL C 162 -12.49 38.06 16.17
C VAL C 162 -12.67 37.45 17.56
N LEU C 163 -13.12 38.27 18.53
CA LEU C 163 -13.42 37.88 19.91
C LEU C 163 -14.94 37.91 20.12
N ASP C 164 -15.42 37.22 21.15
CA ASP C 164 -16.84 37.20 21.48
C ASP C 164 -17.04 37.45 22.96
N MET C 165 -17.72 38.56 23.30
CA MET C 165 -18.09 38.84 24.68
C MET C 165 -19.52 38.34 24.80
N ARG C 166 -19.63 37.00 24.91
CA ARG C 166 -20.81 36.14 24.97
C ARG C 166 -22.04 36.78 25.65
N SER C 167 -21.88 37.38 26.85
CA SER C 167 -22.97 37.99 27.64
C SER C 167 -23.67 39.17 26.92
N MET C 168 -22.94 39.86 26.02
CA MET C 168 -23.45 41.00 25.24
C MET C 168 -23.85 40.56 23.82
N ASP C 169 -23.60 39.27 23.47
CA ASP C 169 -23.86 38.67 22.14
C ASP C 169 -23.32 39.62 21.06
N PHE C 170 -22.05 39.99 21.23
CA PHE C 170 -21.35 40.93 20.38
C PHE C 170 -19.97 40.36 20.03
N LYS C 171 -19.62 40.46 18.74
CA LYS C 171 -18.35 40.00 18.17
C LYS C 171 -17.63 41.18 17.50
N SER C 172 -16.31 41.25 17.66
CA SER C 172 -15.51 42.32 17.08
C SER C 172 -14.14 41.85 16.59
N ASN C 173 -13.74 42.31 15.38
CA ASN C 173 -12.42 42.03 14.83
C ASN C 173 -11.40 43.02 15.39
N SER C 174 -10.11 42.65 15.46
CA SER C 174 -9.04 43.55 15.90
C SER C 174 -7.68 43.08 15.43
N ALA C 175 -6.78 44.03 15.25
CA ALA C 175 -5.38 43.86 14.86
C ALA C 175 -4.55 44.79 15.71
N VAL C 176 -3.30 44.42 16.02
CA VAL C 176 -2.41 45.25 16.84
C VAL C 176 -1.17 45.68 16.01
N ALA C 177 -0.80 46.98 16.08
CA ALA C 177 0.42 47.47 15.43
C ALA C 177 1.30 48.20 16.43
N TRP C 178 2.62 48.01 16.33
CA TRP C 178 3.57 48.67 17.23
C TRP C 178 4.93 48.88 16.56
N SER C 179 5.74 49.77 17.15
CA SER C 179 7.08 50.11 16.67
C SER C 179 7.92 50.61 17.81
N ASN C 180 9.24 50.38 17.75
CA ASN C 180 10.21 50.86 18.76
C ASN C 180 10.79 52.22 18.30
N LYS C 181 10.04 52.93 17.42
CA LYS C 181 10.35 54.21 16.79
C LYS C 181 9.58 55.36 17.43
N SER C 182 10.04 56.61 17.14
CA SER C 182 9.47 57.88 17.61
C SER C 182 8.44 58.43 16.60
N ASP C 183 8.82 58.42 15.29
CA ASP C 183 8.08 58.84 14.10
C ASP C 183 6.66 58.21 14.04
N PHE C 184 6.54 56.93 14.45
CA PHE C 184 5.34 56.09 14.43
C PHE C 184 4.12 56.67 15.20
N ALA C 185 3.03 56.93 14.45
CA ALA C 185 1.73 57.42 14.94
C ALA C 185 0.64 56.41 14.57
N CYS C 186 -0.33 56.20 15.45
CA CYS C 186 -1.40 55.22 15.21
C CYS C 186 -2.30 55.53 14.02
N ALA C 187 -2.56 56.83 13.73
CA ALA C 187 -3.43 57.24 12.63
C ALA C 187 -2.95 56.71 11.29
N ASN C 188 -1.62 56.63 11.10
CA ASN C 188 -1.06 56.14 9.84
C ASN C 188 -0.38 54.73 9.97
N ALA C 189 -0.67 53.99 11.05
CA ALA C 189 -0.09 52.66 11.31
C ALA C 189 -0.61 51.59 10.34
N PHE C 190 -1.94 51.54 10.12
CA PHE C 190 -2.60 50.51 9.31
C PHE C 190 -2.91 50.96 7.89
N ASN C 191 -2.20 51.97 7.38
CA ASN C 191 -2.47 52.54 6.06
C ASN C 191 -2.12 51.61 4.90
N ASN C 192 -1.42 50.48 5.16
CA ASN C 192 -1.08 49.46 4.15
C ASN C 192 -2.35 48.67 3.79
N SER C 193 -3.32 48.60 4.74
CA SER C 193 -4.61 47.95 4.60
C SER C 193 -5.65 48.92 4.03
N ILE C 194 -6.82 48.40 3.65
CA ILE C 194 -7.92 49.19 3.10
C ILE C 194 -8.74 49.73 4.28
N ILE C 195 -8.55 51.03 4.59
CA ILE C 195 -9.20 51.68 5.73
C ILE C 195 -10.56 52.31 5.34
N PRO C 196 -11.65 51.98 6.08
CA PRO C 196 -12.97 52.56 5.79
C PRO C 196 -12.98 54.09 5.92
N GLU C 197 -13.85 54.76 5.15
CA GLU C 197 -13.96 56.21 5.15
C GLU C 197 -14.34 56.74 6.55
N ASP C 198 -15.30 56.05 7.19
CA ASP C 198 -15.85 56.39 8.49
C ASP C 198 -14.98 55.85 9.66
N THR C 199 -13.67 55.57 9.44
CA THR C 199 -12.79 55.11 10.52
C THR C 199 -12.50 56.27 11.46
N PHE C 200 -12.67 56.03 12.76
CA PHE C 200 -12.44 56.98 13.83
C PHE C 200 -10.97 56.95 14.24
N PHE C 201 -10.30 58.09 14.10
CA PHE C 201 -8.90 58.24 14.47
C PHE C 201 -8.81 59.26 15.61
N PRO C 202 -9.06 58.86 16.88
CA PRO C 202 -9.02 59.84 17.97
C PRO C 202 -7.62 60.40 18.16
N SER C 203 -7.51 61.72 18.42
CA SER C 203 -6.26 62.44 18.63
C SER C 203 -5.71 62.22 20.04
N PRO C 204 -4.37 62.06 20.21
CA PRO C 204 -3.83 61.91 21.58
C PRO C 204 -3.64 63.27 22.26
N GLU D 2 -13.49 6.11 21.38
CA GLU D 2 -13.22 5.05 22.34
C GLU D 2 -11.82 4.38 22.15
N ALA D 3 -11.07 4.77 21.08
CA ALA D 3 -9.73 4.24 20.77
C ALA D 3 -8.69 5.39 20.73
N ALA D 4 -8.07 5.67 21.89
CA ALA D 4 -7.11 6.77 22.12
C ALA D 4 -5.63 6.40 21.90
N VAL D 5 -4.83 7.40 21.48
CA VAL D 5 -3.37 7.30 21.25
C VAL D 5 -2.69 8.54 21.88
N THR D 6 -1.73 8.32 22.80
CA THR D 6 -1.04 9.42 23.48
C THR D 6 0.42 9.54 23.03
N GLN D 7 0.93 10.77 22.99
CA GLN D 7 2.30 11.08 22.57
C GLN D 7 3.03 11.93 23.60
N SER D 8 4.35 11.75 23.72
CA SER D 8 5.17 12.51 24.65
C SER D 8 6.57 12.80 24.05
N PRO D 9 7.06 14.06 24.11
CA PRO D 9 6.42 15.24 24.68
C PRO D 9 5.49 15.93 23.69
N ARG D 10 4.76 16.97 24.13
CA ARG D 10 3.88 17.72 23.26
C ARG D 10 4.72 18.68 22.42
N ASN D 11 5.86 19.14 22.98
CA ASN D 11 6.80 20.07 22.34
C ASN D 11 8.24 19.69 22.71
N LYS D 12 9.20 19.86 21.79
CA LYS D 12 10.61 19.54 22.03
C LYS D 12 11.55 20.44 21.23
N VAL D 13 12.64 20.88 21.88
CA VAL D 13 13.72 21.68 21.30
C VAL D 13 14.99 20.81 21.31
N ALA D 14 15.77 20.85 20.22
CA ALA D 14 16.96 20.02 20.11
C ALA D 14 18.11 20.75 19.41
N VAL D 15 19.32 20.22 19.58
CA VAL D 15 20.54 20.75 19.00
C VAL D 15 20.93 19.83 17.83
N THR D 16 21.31 20.43 16.69
CA THR D 16 21.72 19.69 15.48
C THR D 16 22.87 18.72 15.85
N GLY D 17 22.55 17.44 15.93
CA GLY D 17 23.51 16.39 16.29
C GLY D 17 23.23 15.68 17.60
N GLY D 18 22.15 16.07 18.27
CA GLY D 18 21.73 15.46 19.53
C GLY D 18 20.63 14.43 19.37
N LYS D 19 20.68 13.36 20.18
CA LYS D 19 19.67 12.29 20.18
C LYS D 19 18.33 12.82 20.72
N VAL D 20 17.23 12.55 20.01
CA VAL D 20 15.84 12.93 20.37
C VAL D 20 15.00 11.66 20.28
N THR D 21 14.10 11.44 21.27
CA THR D 21 13.24 10.27 21.27
C THR D 21 11.80 10.69 21.48
N LEU D 22 10.99 10.55 20.41
CA LEU D 22 9.55 10.88 20.46
C LEU D 22 8.80 9.60 20.77
N SER D 23 8.04 9.62 21.87
CA SER D 23 7.32 8.46 22.37
C SER D 23 5.84 8.46 21.99
N CYS D 24 5.30 7.26 21.84
CA CYS D 24 3.90 7.02 21.54
C CYS D 24 3.42 5.86 22.38
N ASN D 25 2.18 5.95 22.83
CA ASN D 25 1.52 4.96 23.67
C ASN D 25 0.06 4.76 23.26
N GLN D 26 -0.39 3.49 23.23
CA GLN D 26 -1.75 3.08 22.90
C GLN D 26 -2.15 1.92 23.83
N THR D 27 -3.36 1.98 24.44
CA THR D 27 -3.82 0.91 25.34
C THR D 27 -5.06 0.17 24.76
N ASN D 28 -5.22 0.21 23.42
CA ASN D 28 -6.34 -0.40 22.69
C ASN D 28 -6.06 -1.88 22.32
N ASN D 29 -4.82 -2.37 22.58
CA ASN D 29 -4.32 -3.69 22.21
C ASN D 29 -4.34 -3.81 20.66
N HIS D 30 -3.90 -2.73 20.00
CA HIS D 30 -3.77 -2.65 18.56
C HIS D 30 -2.41 -3.20 18.23
N ASN D 31 -2.36 -4.17 17.31
CA ASN D 31 -1.13 -4.83 16.91
C ASN D 31 -0.18 -3.91 16.12
N ASN D 32 -0.72 -3.10 15.20
CA ASN D 32 0.06 -2.27 14.29
C ASN D 32 0.08 -0.78 14.69
N MET D 33 1.26 -0.16 14.62
CA MET D 33 1.50 1.22 14.99
C MET D 33 2.28 1.95 13.89
N TYR D 34 2.04 3.26 13.75
CA TYR D 34 2.58 4.06 12.66
C TYR D 34 3.15 5.42 13.13
N TRP D 35 4.24 5.90 12.47
CA TRP D 35 4.86 7.20 12.74
C TRP D 35 4.88 8.03 11.45
N TYR D 36 4.23 9.20 11.49
CA TYR D 36 4.14 10.14 10.37
C TYR D 36 4.71 11.50 10.74
N ARG D 37 4.99 12.36 9.75
CA ARG D 37 5.39 13.74 10.00
C ARG D 37 4.61 14.65 9.06
N GLN D 38 4.00 15.68 9.63
CA GLN D 38 3.20 16.64 8.86
C GLN D 38 3.99 17.93 8.61
N ASP D 39 4.15 18.28 7.33
CA ASP D 39 4.84 19.49 6.90
C ASP D 39 3.98 20.30 5.96
N THR D 40 4.15 21.63 5.99
CA THR D 40 3.41 22.60 5.17
C THR D 40 3.68 22.32 3.69
N GLY D 41 2.60 22.13 2.93
CA GLY D 41 2.64 21.86 1.49
C GLY D 41 2.55 20.39 1.12
N HIS D 42 2.63 19.51 2.12
CA HIS D 42 2.53 18.05 1.97
C HIS D 42 1.41 17.50 2.83
N GLY D 43 1.10 16.23 2.62
CA GLY D 43 0.20 15.48 3.49
C GLY D 43 1.06 14.80 4.53
N LEU D 44 0.47 13.95 5.38
CA LEU D 44 1.28 13.20 6.34
C LEU D 44 2.11 12.20 5.56
N ARG D 45 3.42 12.19 5.79
CA ARG D 45 4.34 11.27 5.11
C ARG D 45 4.77 10.20 6.12
N LEU D 46 4.73 8.91 5.73
CA LEU D 46 5.07 7.77 6.59
C LEU D 46 6.58 7.60 6.72
N ILE D 47 7.09 7.61 7.97
CA ILE D 47 8.52 7.48 8.29
C ILE D 47 8.90 6.02 8.57
N HIS D 48 8.21 5.39 9.53
CA HIS D 48 8.36 3.99 9.95
C HIS D 48 7.01 3.47 10.43
N TYR D 49 6.88 2.13 10.55
CA TYR D 49 5.66 1.47 11.05
C TYR D 49 6.03 0.13 11.68
N SER D 50 5.12 -0.45 12.48
CA SER D 50 5.37 -1.72 13.16
C SER D 50 4.15 -2.63 13.07
N TYR D 51 4.37 -3.97 13.04
CA TYR D 51 3.29 -4.96 12.95
C TYR D 51 3.09 -5.72 14.28
N GLY D 52 3.86 -5.34 15.30
CA GLY D 52 3.81 -5.91 16.65
C GLY D 52 5.07 -5.65 17.43
N ALA D 53 5.16 -6.18 18.66
CA ALA D 53 6.35 -6.03 19.51
C ALA D 53 7.56 -6.71 18.85
N GLY D 54 8.66 -5.96 18.68
CA GLY D 54 9.87 -6.44 18.03
C GLY D 54 10.03 -5.99 16.58
N SER D 55 8.90 -5.87 15.84
CA SER D 55 8.88 -5.43 14.44
C SER D 55 8.99 -3.91 14.32
N THR D 56 9.78 -3.46 13.32
CA THR D 56 10.04 -2.07 12.93
C THR D 56 10.40 -2.12 11.47
N GLU D 57 9.49 -1.62 10.61
CA GLU D 57 9.62 -1.60 9.15
C GLU D 57 9.77 -0.17 8.65
N LYS D 58 10.58 0.02 7.60
CA LYS D 58 10.84 1.34 7.01
C LYS D 58 9.62 1.85 6.26
N GLY D 59 9.33 3.14 6.42
CA GLY D 59 8.25 3.84 5.72
C GLY D 59 8.74 4.45 4.43
N ASP D 60 7.96 5.40 3.88
CA ASP D 60 8.30 6.09 2.64
C ASP D 60 9.50 7.05 2.82
N ILE D 61 9.63 7.73 3.99
CA ILE D 61 10.72 8.68 4.27
C ILE D 61 11.48 8.26 5.57
N PRO D 62 12.31 7.18 5.53
CA PRO D 62 12.95 6.71 6.78
C PRO D 62 14.35 7.23 7.09
N ASP D 63 15.05 7.91 6.14
CA ASP D 63 16.41 8.41 6.33
C ASP D 63 16.47 9.39 7.49
N GLY D 64 17.46 9.20 8.36
CA GLY D 64 17.69 10.04 9.54
C GLY D 64 16.90 9.64 10.78
N TYR D 65 16.00 8.65 10.62
CA TYR D 65 15.17 8.17 11.72
C TYR D 65 15.37 6.69 11.94
N LYS D 66 15.26 6.28 13.20
CA LYS D 66 15.30 4.91 13.67
C LYS D 66 13.99 4.69 14.44
N ALA D 67 13.53 3.43 14.56
CA ALA D 67 12.28 3.12 15.26
C ALA D 67 12.45 1.97 16.23
N SER D 68 11.64 1.94 17.30
CA SER D 68 11.72 0.88 18.29
C SER D 68 10.35 0.57 18.88
N ARG D 69 9.92 -0.71 18.76
CA ARG D 69 8.67 -1.23 19.29
C ARG D 69 9.01 -2.25 20.36
N PRO D 70 9.17 -1.82 21.63
CA PRO D 70 9.54 -2.77 22.70
C PRO D 70 8.37 -3.62 23.21
N SER D 71 7.12 -3.16 23.01
CA SER D 71 5.90 -3.83 23.45
C SER D 71 4.72 -3.47 22.53
N GLN D 72 3.52 -4.00 22.85
CA GLN D 72 2.28 -3.74 22.12
C GLN D 72 1.85 -2.28 22.28
N GLU D 73 2.08 -1.70 23.47
CA GLU D 73 1.65 -0.36 23.86
C GLU D 73 2.54 0.77 23.32
N ASN D 74 3.89 0.65 23.40
CA ASN D 74 4.81 1.71 23.02
C ASN D 74 5.53 1.51 21.69
N PHE D 75 5.73 2.62 20.96
CA PHE D 75 6.44 2.74 19.68
C PHE D 75 7.22 4.07 19.68
N SER D 76 8.54 4.02 19.43
CA SER D 76 9.40 5.22 19.48
C SER D 76 9.98 5.63 18.13
N LEU D 77 10.28 6.93 18.00
CA LEU D 77 10.93 7.53 16.83
C LEU D 77 12.24 8.15 17.33
N ILE D 78 13.38 7.53 16.99
CA ILE D 78 14.72 7.91 17.45
C ILE D 78 15.50 8.71 16.37
N LEU D 79 16.03 9.87 16.76
CA LEU D 79 16.80 10.77 15.90
C LEU D 79 18.22 10.91 16.46
N GLU D 80 19.04 9.85 16.29
CA GLU D 80 20.43 9.72 16.79
C GLU D 80 21.30 10.94 16.42
N LEU D 81 21.05 11.56 15.25
CA LEU D 81 21.74 12.77 14.80
C LEU D 81 20.71 13.70 14.20
N ALA D 82 20.14 14.57 15.06
CA ALA D 82 19.12 15.53 14.66
C ALA D 82 19.67 16.56 13.67
N THR D 83 18.82 16.98 12.73
CA THR D 83 19.15 17.97 11.68
C THR D 83 18.00 18.99 11.56
N PRO D 84 18.22 20.24 11.07
CA PRO D 84 17.11 21.21 10.97
C PRO D 84 16.02 20.83 9.97
N SER D 85 16.27 19.82 9.10
CA SER D 85 15.28 19.32 8.14
C SER D 85 14.24 18.44 8.86
N GLN D 86 14.60 17.95 10.06
CA GLN D 86 13.73 17.13 10.92
C GLN D 86 12.85 18.02 11.78
N THR D 87 12.93 19.35 11.61
CA THR D 87 12.04 20.27 12.32
C THR D 87 10.68 20.05 11.67
N SER D 88 9.77 19.40 12.41
CA SER D 88 8.43 19.07 11.90
C SER D 88 7.46 18.81 13.05
N VAL D 89 6.20 18.52 12.70
CA VAL D 89 5.21 18.13 13.71
C VAL D 89 4.91 16.65 13.39
N TYR D 90 5.19 15.76 14.37
CA TYR D 90 5.13 14.30 14.28
C TYR D 90 3.89 13.68 14.91
N PHE D 91 3.15 12.92 14.08
CA PHE D 91 1.91 12.25 14.48
C PHE D 91 2.09 10.73 14.53
N CYS D 92 1.48 10.13 15.54
CA CYS D 92 1.49 8.69 15.78
C CYS D 92 0.08 8.12 15.62
N ALA D 93 -0.01 6.91 15.08
CA ALA D 93 -1.27 6.21 14.85
C ALA D 93 -1.15 4.75 15.26
N SER D 94 -2.31 4.11 15.42
CA SER D 94 -2.38 2.69 15.74
C SER D 94 -3.62 2.09 15.08
N GLY D 95 -3.59 0.79 14.86
CA GLY D 95 -4.72 0.08 14.27
C GLY D 95 -4.66 -1.42 14.45
N ASP D 96 -5.80 -2.06 14.23
CA ASP D 96 -5.93 -3.51 14.24
C ASP D 96 -5.86 -3.98 12.76
N GLU D 97 -6.40 -5.18 12.44
CA GLU D 97 -6.41 -5.72 11.07
C GLU D 97 -7.22 -4.82 10.09
N GLY D 98 -8.09 -3.95 10.63
CA GLY D 98 -8.90 -3.01 9.86
C GLY D 98 -8.10 -1.90 9.19
N TYR D 99 -8.77 -1.14 8.30
CA TYR D 99 -8.10 -0.06 7.56
C TYR D 99 -7.93 1.25 8.36
N THR D 100 -8.81 1.50 9.35
CA THR D 100 -8.79 2.70 10.19
C THR D 100 -7.51 2.82 11.03
N GLN D 101 -6.93 4.04 11.04
CA GLN D 101 -5.78 4.42 11.86
C GLN D 101 -6.25 5.51 12.84
N TYR D 102 -5.93 5.33 14.13
CA TYR D 102 -6.34 6.24 15.20
C TYR D 102 -5.14 7.13 15.57
N PHE D 103 -5.26 8.44 15.37
CA PHE D 103 -4.16 9.39 15.52
C PHE D 103 -4.03 10.02 16.92
N GLY D 104 -2.79 10.35 17.26
CA GLY D 104 -2.38 11.01 18.49
C GLY D 104 -2.42 12.53 18.36
N PRO D 105 -2.22 13.28 19.46
CA PRO D 105 -2.32 14.75 19.41
C PRO D 105 -1.20 15.48 18.67
N GLY D 106 -0.09 14.80 18.42
CA GLY D 106 1.06 15.38 17.73
C GLY D 106 2.19 15.78 18.65
N THR D 107 3.35 16.11 18.06
CA THR D 107 4.55 16.50 18.79
C THR D 107 5.33 17.51 17.94
N ARG D 108 5.45 18.75 18.43
CA ARG D 108 6.20 19.80 17.75
C ARG D 108 7.69 19.65 18.05
N LEU D 109 8.52 19.49 17.02
CA LEU D 109 9.96 19.38 17.22
C LEU D 109 10.69 20.48 16.46
N LEU D 110 11.50 21.28 17.17
CA LEU D 110 12.32 22.32 16.55
C LEU D 110 13.78 21.96 16.75
N VAL D 111 14.52 21.79 15.66
CA VAL D 111 15.94 21.47 15.72
C VAL D 111 16.70 22.74 15.32
N LEU D 112 17.35 23.38 16.32
CA LEU D 112 18.14 24.61 16.14
C LEU D 112 19.64 24.32 16.26
N GLU D 113 20.48 25.19 15.65
CA GLU D 113 21.94 25.11 15.61
C GLU D 113 22.53 25.00 17.01
N ASP D 114 22.16 25.94 17.89
CA ASP D 114 22.57 25.98 19.30
C ASP D 114 21.47 26.62 20.13
N LEU D 115 21.54 26.45 21.45
CA LEU D 115 20.55 27.00 22.37
C LEU D 115 20.84 28.49 22.67
N LYS D 116 21.94 29.05 22.11
CA LYS D 116 22.39 30.45 22.28
C LYS D 116 21.32 31.47 21.89
N ASN D 117 20.44 31.14 20.91
CA ASN D 117 19.35 32.03 20.45
C ASN D 117 17.99 31.69 21.14
N VAL D 118 17.99 30.81 22.16
CA VAL D 118 16.76 30.49 22.89
C VAL D 118 16.57 31.60 23.92
N PHE D 119 15.40 32.28 23.84
CA PHE D 119 15.04 33.38 24.72
C PHE D 119 13.60 33.24 25.24
N PRO D 120 13.32 33.56 26.53
CA PRO D 120 11.93 33.53 27.00
C PRO D 120 11.19 34.82 26.58
N PRO D 121 9.85 34.92 26.71
CA PRO D 121 9.19 36.17 26.30
C PRO D 121 9.24 37.26 27.37
N GLU D 122 8.94 38.49 26.93
CA GLU D 122 8.80 39.69 27.74
C GLU D 122 7.35 40.12 27.58
N VAL D 123 6.56 40.06 28.67
CA VAL D 123 5.12 40.33 28.63
C VAL D 123 4.79 41.75 29.16
N ALA D 124 3.93 42.49 28.41
CA ALA D 124 3.47 43.82 28.78
C ALA D 124 1.98 43.95 28.53
N VAL D 125 1.23 44.48 29.52
CA VAL D 125 -0.22 44.69 29.37
C VAL D 125 -0.48 46.18 29.10
N PHE D 126 -1.08 46.46 27.92
CA PHE D 126 -1.44 47.79 27.47
C PHE D 126 -2.88 48.09 27.90
N GLU D 127 -3.07 49.20 28.62
CA GLU D 127 -4.34 49.64 29.20
C GLU D 127 -5.27 50.31 28.16
N PRO D 128 -6.61 50.00 28.18
CA PRO D 128 -7.53 50.60 27.19
C PRO D 128 -7.51 52.12 27.11
N SER D 129 -7.82 52.65 25.92
CA SER D 129 -7.85 54.08 25.68
C SER D 129 -9.15 54.69 26.16
N GLU D 130 -9.12 55.97 26.57
CA GLU D 130 -10.32 56.68 27.01
C GLU D 130 -11.26 56.90 25.86
N ALA D 131 -10.70 57.07 24.63
CA ALA D 131 -11.47 57.28 23.40
C ALA D 131 -12.38 56.08 23.09
N GLU D 132 -11.93 54.84 23.40
CA GLU D 132 -12.72 53.62 23.23
C GLU D 132 -13.77 53.54 24.31
N ILE D 133 -13.36 53.67 25.59
CA ILE D 133 -14.25 53.65 26.74
C ILE D 133 -15.41 54.60 26.47
N SER D 134 -15.12 55.85 26.11
CA SER D 134 -16.14 56.87 25.85
C SER D 134 -17.01 56.58 24.61
N HIS D 135 -16.42 56.09 23.51
CA HIS D 135 -17.17 55.88 22.27
C HIS D 135 -17.97 54.58 22.20
N THR D 136 -17.35 53.46 22.57
CA THR D 136 -17.93 52.12 22.47
C THR D 136 -18.61 51.65 23.74
N GLN D 137 -18.20 52.19 24.91
CA GLN D 137 -18.67 51.81 26.26
C GLN D 137 -18.19 50.36 26.56
N LYS D 138 -17.05 50.02 25.94
CA LYS D 138 -16.28 48.77 26.04
C LYS D 138 -14.82 49.16 26.23
N ALA D 139 -13.98 48.22 26.71
CA ALA D 139 -12.57 48.47 26.97
C ALA D 139 -11.74 47.23 26.62
N THR D 140 -10.74 47.37 25.72
CA THR D 140 -9.83 46.30 25.29
C THR D 140 -8.46 46.44 25.91
N LEU D 141 -8.00 45.36 26.56
CA LEU D 141 -6.65 45.26 27.11
C LEU D 141 -5.85 44.47 26.09
N VAL D 142 -4.67 44.98 25.69
CA VAL D 142 -3.84 44.30 24.70
C VAL D 142 -2.59 43.78 25.40
N CYS D 143 -2.29 42.49 25.26
CA CYS D 143 -1.10 41.85 25.81
C CYS D 143 -0.10 41.61 24.69
N LEU D 144 1.18 41.90 24.96
CA LEU D 144 2.26 41.69 24.01
C LEU D 144 3.39 40.85 24.60
N ALA D 145 3.43 39.56 24.22
CA ALA D 145 4.48 38.60 24.54
C ALA D 145 5.52 38.75 23.45
N THR D 146 6.68 39.33 23.79
CA THR D 146 7.66 39.71 22.78
C THR D 146 9.11 39.16 23.02
N GLY D 147 9.86 39.04 21.93
CA GLY D 147 11.26 38.62 21.88
C GLY D 147 11.59 37.24 22.41
N PHE D 148 10.80 36.22 22.02
CA PHE D 148 10.96 34.82 22.43
C PHE D 148 11.33 33.93 21.25
N TYR D 149 12.07 32.83 21.51
CA TYR D 149 12.49 31.84 20.53
C TYR D 149 12.69 30.48 21.21
N PRO D 150 12.09 29.36 20.75
CA PRO D 150 11.24 29.19 19.55
C PRO D 150 9.78 29.66 19.72
N ASP D 151 8.97 29.55 18.64
CA ASP D 151 7.56 29.98 18.53
C ASP D 151 6.57 29.07 19.28
N HIS D 152 7.10 28.17 20.15
CA HIS D 152 6.33 27.24 20.97
C HIS D 152 5.77 27.98 22.21
N VAL D 153 4.52 28.51 22.10
CA VAL D 153 3.85 29.28 23.18
C VAL D 153 2.34 28.98 23.29
N GLU D 154 1.76 29.40 24.43
CA GLU D 154 0.34 29.32 24.79
C GLU D 154 -0.01 30.52 25.71
N LEU D 155 -0.65 31.57 25.14
CA LEU D 155 -1.04 32.77 25.90
C LEU D 155 -2.36 32.54 26.63
N SER D 156 -2.48 33.07 27.88
CA SER D 156 -3.68 32.92 28.71
C SER D 156 -4.04 34.20 29.46
N TRP D 157 -5.36 34.48 29.61
CA TRP D 157 -5.92 35.64 30.34
C TRP D 157 -6.51 35.21 31.66
N TRP D 158 -6.20 35.95 32.74
CA TRP D 158 -6.64 35.67 34.11
C TRP D 158 -7.05 36.98 34.81
N VAL D 159 -8.31 37.07 35.30
CA VAL D 159 -8.84 38.24 36.01
C VAL D 159 -9.30 37.86 37.43
N ASN D 160 -8.81 38.62 38.45
CA ASN D 160 -9.08 38.48 39.88
C ASN D 160 -8.78 37.05 40.41
N GLY D 161 -7.94 36.30 39.68
CA GLY D 161 -7.54 34.95 40.01
C GLY D 161 -8.05 33.86 39.07
N LYS D 162 -9.21 34.08 38.42
CA LYS D 162 -9.82 33.09 37.53
C LYS D 162 -9.50 33.35 36.05
N GLU D 163 -9.36 32.27 35.26
CA GLU D 163 -9.06 32.31 33.83
C GLU D 163 -10.31 32.66 33.03
N VAL D 164 -10.15 33.53 32.01
CA VAL D 164 -11.26 33.94 31.15
C VAL D 164 -11.02 33.53 29.71
N HIS D 165 -12.11 33.15 29.01
CA HIS D 165 -12.14 32.75 27.60
C HIS D 165 -13.10 33.64 26.78
N SER D 166 -14.02 34.34 27.48
CA SER D 166 -14.98 35.26 26.89
C SER D 166 -14.32 36.62 26.71
N GLY D 167 -14.46 37.19 25.51
CA GLY D 167 -13.88 38.47 25.16
C GLY D 167 -12.39 38.42 24.85
N VAL D 168 -11.79 37.21 24.93
CA VAL D 168 -10.36 37.01 24.63
C VAL D 168 -10.21 36.60 23.18
N CYS D 169 -9.08 37.00 22.58
CA CYS D 169 -8.68 36.71 21.22
C CYS D 169 -7.20 36.79 21.12
N THR D 170 -6.55 35.65 20.87
CA THR D 170 -5.10 35.55 20.75
C THR D 170 -4.76 35.20 19.32
N ASP D 171 -3.70 35.82 18.76
CA ASP D 171 -3.21 35.55 17.41
C ASP D 171 -2.99 34.07 17.19
N PRO D 172 -3.44 33.51 16.04
CA PRO D 172 -3.21 32.07 15.81
C PRO D 172 -1.72 31.75 15.71
N GLN D 173 -0.99 32.57 14.93
CA GLN D 173 0.45 32.43 14.68
C GLN D 173 1.23 33.62 15.25
N PRO D 174 2.48 33.42 15.75
CA PRO D 174 3.27 34.59 16.16
C PRO D 174 3.84 35.29 14.92
N LEU D 175 4.41 36.49 15.09
CA LEU D 175 5.02 37.20 13.97
C LEU D 175 6.50 37.41 14.26
N LYS D 176 7.33 37.26 13.23
CA LYS D 176 8.78 37.42 13.32
C LYS D 176 9.14 38.88 13.56
N GLU D 177 10.08 39.14 14.49
CA GLU D 177 10.57 40.50 14.78
C GLU D 177 11.52 40.97 13.66
N GLN D 178 12.41 40.07 13.20
CA GLN D 178 13.32 40.31 12.07
C GLN D 178 12.98 39.24 11.01
N PRO D 179 11.89 39.41 10.21
CA PRO D 179 11.46 38.35 9.26
C PRO D 179 12.51 37.87 8.26
N ALA D 180 13.52 38.70 7.94
CA ALA D 180 14.62 38.32 7.04
C ALA D 180 15.44 37.18 7.64
N LEU D 181 15.89 37.32 8.92
CA LEU D 181 16.68 36.33 9.67
C LEU D 181 15.88 35.04 9.97
N ASN D 182 16.58 33.90 10.11
CA ASN D 182 16.00 32.58 10.39
C ASN D 182 15.90 32.32 11.91
N ASP D 183 16.90 32.84 12.66
CA ASP D 183 17.00 32.79 14.12
C ASP D 183 15.92 33.66 14.80
N SER D 184 15.34 34.59 14.02
CA SER D 184 14.31 35.57 14.35
C SER D 184 13.46 35.20 15.57
N ARG D 185 13.47 36.09 16.57
CA ARG D 185 12.68 36.00 17.79
C ARG D 185 11.26 36.43 17.41
N TYR D 186 10.24 35.75 17.96
CA TYR D 186 8.84 35.94 17.65
C TYR D 186 8.14 36.88 18.64
N ALA D 187 7.00 37.43 18.22
CA ALA D 187 6.10 38.29 18.98
C ALA D 187 4.69 37.79 18.82
N LEU D 188 3.89 37.85 19.89
CA LEU D 188 2.51 37.41 19.87
C LEU D 188 1.68 38.40 20.64
N SER D 189 0.53 38.78 20.07
CA SER D 189 -0.42 39.69 20.69
C SER D 189 -1.73 38.97 20.97
N SER D 190 -2.46 39.48 21.96
CA SER D 190 -3.75 38.96 22.40
C SER D 190 -4.55 40.08 23.03
N ARG D 191 -5.88 40.02 22.93
CA ARG D 191 -6.69 41.07 23.53
C ARG D 191 -7.91 40.54 24.29
N LEU D 192 -8.18 41.15 25.46
CA LEU D 192 -9.33 40.90 26.30
C LEU D 192 -10.23 42.13 26.29
N ARG D 193 -11.50 41.97 25.92
CA ARG D 193 -12.44 43.07 25.89
C ARG D 193 -13.49 42.91 27.00
N VAL D 194 -13.59 43.93 27.87
CA VAL D 194 -14.50 44.01 29.03
C VAL D 194 -15.46 45.21 28.87
N SER D 195 -16.43 45.38 29.80
CA SER D 195 -17.31 46.55 29.75
C SER D 195 -16.57 47.72 30.37
N ALA D 196 -16.87 48.95 29.94
CA ALA D 196 -16.22 50.14 30.47
C ALA D 196 -16.37 50.20 32.01
N THR D 197 -17.56 49.86 32.53
CA THR D 197 -17.90 49.84 33.97
C THR D 197 -17.05 48.79 34.71
N PHE D 198 -16.70 47.68 34.03
CA PHE D 198 -15.90 46.59 34.61
C PHE D 198 -14.43 47.04 34.76
N TRP D 199 -13.88 47.69 33.73
CA TRP D 199 -12.52 48.22 33.78
C TRP D 199 -12.42 49.38 34.77
N GLN D 200 -13.47 50.24 34.86
CA GLN D 200 -13.48 51.42 35.72
C GLN D 200 -13.67 51.08 37.21
N ASN D 201 -13.66 49.77 37.53
CA ASN D 201 -13.78 49.25 38.89
C ASN D 201 -12.36 48.98 39.44
N PRO D 202 -11.88 49.80 40.41
CA PRO D 202 -10.50 49.62 40.92
C PRO D 202 -10.24 48.29 41.62
N ARG D 203 -11.29 47.56 42.05
CA ARG D 203 -11.13 46.28 42.73
C ARG D 203 -10.88 45.12 41.72
N ASN D 204 -10.82 45.42 40.40
CA ASN D 204 -10.58 44.41 39.37
C ASN D 204 -9.12 44.42 38.90
N HIS D 205 -8.47 43.25 39.03
CA HIS D 205 -7.07 43.02 38.68
C HIS D 205 -7.00 42.06 37.47
N PHE D 206 -6.31 42.49 36.39
CA PHE D 206 -6.15 41.76 35.13
C PHE D 206 -4.70 41.25 34.98
N ARG D 207 -4.52 40.03 34.43
CA ARG D 207 -3.21 39.40 34.25
C ARG D 207 -3.13 38.53 32.99
N CYS D 208 -2.10 38.78 32.16
CA CYS D 208 -1.80 38.03 30.95
C CYS D 208 -0.58 37.16 31.25
N GLN D 209 -0.78 35.83 31.30
CA GLN D 209 0.34 34.92 31.55
C GLN D 209 0.57 34.02 30.32
N VAL D 210 1.83 33.90 29.89
CA VAL D 210 2.18 33.09 28.72
C VAL D 210 2.92 31.81 29.13
N GLN D 211 2.69 30.73 28.38
CA GLN D 211 3.37 29.45 28.58
C GLN D 211 4.45 29.35 27.50
N PHE D 212 5.70 29.07 27.92
CA PHE D 212 6.86 28.93 27.04
C PHE D 212 7.41 27.50 27.08
N TYR D 213 7.68 26.89 25.90
CA TYR D 213 8.24 25.54 25.77
C TYR D 213 9.66 25.66 25.23
N GLY D 214 10.62 25.74 26.16
CA GLY D 214 12.03 25.89 25.84
C GLY D 214 12.92 24.76 26.32
N LEU D 215 13.96 25.12 27.07
CA LEU D 215 15.01 24.26 27.61
C LEU D 215 14.55 23.36 28.79
N SER D 216 15.36 22.31 29.08
CA SER D 216 15.19 21.34 30.16
C SER D 216 16.43 21.36 31.10
N GLU D 217 16.38 20.66 32.25
CA GLU D 217 17.49 20.57 33.20
C GLU D 217 18.68 19.78 32.60
N ASN D 218 18.37 18.89 31.62
CA ASN D 218 19.33 18.07 30.87
C ASN D 218 20.21 18.94 29.96
N ASP D 219 19.64 20.05 29.43
CA ASP D 219 20.32 21.00 28.54
C ASP D 219 21.37 21.82 29.30
N GLU D 220 22.62 21.77 28.82
CA GLU D 220 23.75 22.48 29.41
C GLU D 220 23.73 23.96 29.03
N TRP D 221 23.95 24.85 30.01
CA TRP D 221 23.95 26.31 29.79
C TRP D 221 25.23 26.92 30.34
N THR D 222 25.94 27.70 29.50
CA THR D 222 27.22 28.36 29.85
C THR D 222 27.17 29.89 29.67
N GLN D 223 26.12 30.42 29.00
CA GLN D 223 25.94 31.86 28.76
C GLN D 223 25.72 32.65 30.06
N ASP D 224 26.14 33.94 30.07
CA ASP D 224 26.03 34.86 31.21
C ASP D 224 24.58 35.07 31.67
N ARG D 225 23.64 35.32 30.72
CA ARG D 225 22.21 35.53 31.02
C ARG D 225 21.52 34.25 31.52
N ALA D 226 20.35 34.43 32.19
CA ALA D 226 19.50 33.38 32.78
C ALA D 226 19.14 32.28 31.80
N LYS D 227 19.00 31.04 32.31
CA LYS D 227 18.67 29.86 31.51
C LYS D 227 17.22 29.95 30.94
N PRO D 228 17.07 29.90 29.61
CA PRO D 228 15.73 30.00 29.02
C PRO D 228 14.98 28.66 29.02
N VAL D 229 14.66 28.15 30.22
CA VAL D 229 13.93 26.89 30.40
C VAL D 229 12.42 27.07 30.11
N THR D 230 11.64 25.96 30.09
CA THR D 230 10.20 26.00 29.85
C THR D 230 9.60 26.81 31.03
N GLN D 231 9.23 28.07 30.72
CA GLN D 231 8.82 29.11 31.67
C GLN D 231 7.37 29.62 31.50
N ILE D 232 6.93 30.46 32.49
CA ILE D 232 5.63 31.15 32.56
C ILE D 232 5.91 32.62 32.96
N VAL D 233 5.85 33.54 31.97
CA VAL D 233 6.07 34.99 32.16
C VAL D 233 4.70 35.68 32.18
N SER D 234 4.54 36.69 33.04
CA SER D 234 3.26 37.39 33.16
C SER D 234 3.41 38.91 33.35
N ALA D 235 2.31 39.66 33.10
CA ALA D 235 2.18 41.11 33.26
C ALA D 235 0.78 41.44 33.79
N GLU D 236 0.69 42.44 34.68
CA GLU D 236 -0.58 42.80 35.33
C GLU D 236 -0.93 44.28 35.22
N ALA D 237 -2.25 44.55 35.27
CA ALA D 237 -2.88 45.87 35.22
C ALA D 237 -4.12 45.88 36.11
N TRP D 238 -4.35 46.99 36.80
CA TRP D 238 -5.51 47.13 37.70
C TRP D 238 -6.52 48.12 37.11
N GLY D 239 -7.78 47.95 37.52
CA GLY D 239 -8.90 48.81 37.14
C GLY D 239 -8.70 50.25 37.59
N ARG D 240 -9.29 51.20 36.86
CA ARG D 240 -9.08 52.62 37.13
C ARG D 240 -10.38 53.42 37.15
N ALA D 241 -10.68 54.07 38.29
CA ALA D 241 -11.85 54.92 38.53
C ALA D 241 -11.84 56.17 37.64
N ASP D 242 -10.65 56.79 37.45
CA ASP D 242 -10.48 57.99 36.61
C ASP D 242 -10.57 57.64 35.11
C1 NAG E . 17.41 -10.50 -4.77
C2 NAG E . 18.84 -9.98 -4.79
C3 NAG E . 19.13 -9.68 -6.27
C4 NAG E . 19.02 -10.95 -7.11
C5 NAG E . 17.64 -11.58 -6.93
C6 NAG E . 17.49 -12.95 -7.56
C7 NAG E . 19.58 -8.79 -2.76
C8 NAG E . 19.79 -7.44 -2.15
N2 NAG E . 19.01 -8.79 -3.99
O3 NAG E . 20.41 -9.08 -6.41
O4 NAG E . 19.20 -10.63 -8.50
O5 NAG E . 17.34 -11.72 -5.52
O6 NAG E . 18.04 -13.97 -6.76
O7 NAG E . 19.90 -9.82 -2.19
C1 NAG E . 20.46 -10.93 -9.11
C2 NAG E . 20.20 -11.39 -10.54
C3 NAG E . 21.55 -11.72 -11.18
C4 NAG E . 22.45 -10.48 -11.17
C5 NAG E . 22.58 -9.94 -9.75
C6 NAG E . 23.31 -8.61 -9.65
C7 NAG E . 18.15 -12.56 -11.28
C8 NAG E . 17.46 -13.89 -11.36
N2 NAG E . 19.31 -12.55 -10.62
O3 NAG E . 21.37 -12.20 -12.51
O4 NAG E . 23.73 -10.80 -11.70
O5 NAG E . 21.27 -9.75 -9.15
O6 NAG E . 22.52 -7.53 -10.11
O7 NAG E . 17.69 -11.55 -11.80
C1 NAG F . 8.11 -8.09 -12.71
C2 NAG F . 9.53 -7.54 -12.86
C3 NAG F . 9.68 -6.18 -12.18
C4 NAG F . 8.58 -5.23 -12.64
C5 NAG F . 7.23 -5.86 -12.34
C6 NAG F . 6.05 -5.02 -12.79
C7 NAG F . 11.21 -9.33 -13.07
C8 NAG F . 12.03 -10.34 -12.32
N2 NAG F . 10.48 -8.49 -12.32
O3 NAG F . 10.97 -5.66 -12.49
O4 NAG F . 8.75 -3.94 -12.03
O5 NAG F . 7.11 -7.11 -13.03
O6 NAG F . 4.80 -5.68 -12.58
O7 NAG F . 11.20 -9.28 -14.30
C1 NAG F . 8.91 -2.80 -12.88
C2 NAG F . 8.56 -1.53 -12.09
C3 NAG F . 8.85 -0.28 -12.92
C4 NAG F . 10.26 -0.32 -13.52
C5 NAG F . 10.42 -1.60 -14.34
C6 NAG F . 11.79 -1.75 -14.96
C7 NAG F . 6.69 -2.12 -10.58
C8 NAG F . 5.23 -1.96 -10.33
N2 NAG F . 7.16 -1.57 -11.71
O3 NAG F . 8.68 0.89 -12.14
O4 NAG F . 10.48 0.85 -14.33
O5 NAG F . 10.22 -2.74 -13.48
O6 NAG F . 12.00 -0.81 -16.01
O7 NAG F . 7.41 -2.75 -9.80
C1 NAG G . -20.65 -17.64 -3.19
C2 NAG G . -21.58 -16.76 -2.37
C3 NAG G . -21.27 -17.04 -0.89
C4 NAG G . -21.44 -18.52 -0.56
C5 NAG G . -20.56 -19.36 -1.50
C6 NAG G . -20.75 -20.85 -1.36
C7 NAG G . -22.01 -14.66 -3.61
C8 NAG G . -21.62 -13.22 -3.76
N2 NAG G . -21.34 -15.36 -2.68
O3 NAG G . -22.13 -16.23 -0.09
O4 NAG G . -21.03 -18.78 0.78
O5 NAG G . -20.85 -19.03 -2.87
O6 NAG G . -19.73 -21.58 -2.05
O7 NAG G . -22.90 -15.16 -4.28
C1 NAG G . -22.02 -18.86 1.80
C2 NAG G . -21.44 -19.65 2.98
C3 NAG G . -22.55 -19.75 4.03
C4 NAG G . -23.03 -18.37 4.46
C5 NAG G . -23.40 -17.52 3.25
C6 NAG G . -23.63 -16.05 3.57
C7 NAG G . -19.88 -21.56 2.92
C8 NAG G . -19.58 -22.88 2.28
N2 NAG G . -21.03 -20.97 2.54
O3 NAG G . -22.07 -20.48 5.16
O4 NAG G . -24.17 -18.50 5.32
O5 NAG G . -22.34 -17.56 2.27
O6 NAG G . -23.89 -15.29 2.40
O7 NAG G . -19.11 -21.03 3.73
C1 BMA G . -24.03 -18.22 6.70
C2 BMA G . -25.18 -17.30 7.14
C3 BMA G . -25.10 -17.03 8.64
C4 BMA G . -25.02 -18.33 9.43
C5 BMA G . -23.90 -19.24 8.89
C6 BMA G . -23.88 -20.63 9.51
O2 BMA G . -26.43 -17.90 6.81
O3 BMA G . -26.20 -16.24 9.05
O4 BMA G . -24.77 -18.05 10.80
O5 BMA G . -24.06 -19.43 7.47
O6 BMA G . -22.87 -21.45 8.93
C21 V8P H . -7.59 -15.61 -16.70
C20 V8P H . -8.86 -15.52 -17.56
C14 V8P H . -10.02 -16.24 -16.87
C13 V8P H . -10.93 -15.23 -16.12
C9 V8P H . -12.18 -17.17 -12.06
C11 V8P H . -12.46 -15.85 -14.21
C8 V8P H . -10.79 -17.38 -11.46
C7 V8P H . -10.71 -16.79 -10.04
C10 V8P H . -12.09 -17.22 -13.59
C12 V8P H . -12.26 -15.90 -15.73
C21 V8P I . 1.78 -15.15 2.74
C16 V8P I . -4.02 -15.20 -10.98
C20 V8P I . 1.00 -16.34 3.31
C15 V8P I . -3.38 -15.11 -12.36
C17 V8P I . -4.26 -14.30 -13.31
C14 V8P I . 0.31 -17.12 2.19
C19 V8P I . -4.11 -14.83 -15.75
C13 V8P I . -1.22 -16.99 2.34
C9 V8P I . -3.49 -14.72 -1.48
C11 V8P I . -2.33 -15.57 0.57
C8 V8P I . -4.68 -13.74 -1.59
C7 V8P I . -4.17 -12.30 -1.62
C5 V8P I . -4.79 -9.90 -2.02
C6 V8P I . -5.24 -11.37 -2.20
C4 V8P I . -5.20 -9.08 -3.25
C1 V8P I . -6.30 -5.37 -3.82
C3 V8P I . -5.58 -7.63 -2.87
C2 V8P I . -6.20 -6.88 -4.08
OAA V8P I . -7.62 -6.85 -6.64
CAA V8P I . -8.10 -7.39 -5.65
CAB V8P I . -9.48 -8.04 -5.70
CAC V8P I . -9.55 -9.04 -6.87
O4 V8P I . -10.90 -9.04 -7.36
CAD V8P I . -9.13 -10.44 -6.40
CAE V8P I . -9.36 -11.49 -7.50
CAF V8P I . -8.10 -12.33 -7.73
CAG V8P I . -8.19 -13.67 -6.98
CAH V8P I . -8.12 -14.82 -8.01
CAI V8P I . -6.77 -15.53 -7.91
CAJ V8P I . -6.55 -16.30 -9.21
CAK V8P I . -5.08 -16.76 -9.30
CAL V8P I . -4.58 -16.61 -10.75
N2 V8P I . -7.53 -7.43 -4.43
O1A V8P I . -7.42 -5.10 -2.97
C1A V8P I . -7.73 -3.71 -2.83
C2A V8P I . -8.69 -3.52 -1.65
O2A V8P I . -8.15 -4.15 -0.47
C3A V8P I . -10.06 -4.12 -1.99
O3A V8P I . -10.94 -3.96 -0.88
C4A V8P I . -10.66 -3.49 -3.26
O4A V8P I . -11.00 -2.09 -3.01
C5M V8P I . -9.65 -3.63 -4.42
C6A V8P I . -10.12 -2.91 -5.69
O6A V8P I . -11.05 -3.74 -6.38
O5A V8P I . -8.33 -3.14 -4.03
O3 V8P I . -4.40 -6.95 -2.43
C10 V8P I . -3.64 -15.62 -0.24
C12 V8P I . -1.90 -16.98 0.97
C18 V8P I . -4.77 -15.21 -14.42
C22 V8P I . 3.28 -15.34 3.00
#